data_6OBV
#
_entry.id   6OBV
#
_cell.length_a   152.760
_cell.length_b   38.780
_cell.length_c   196.970
_cell.angle_alpha   90.000
_cell.angle_beta   103.980
_cell.angle_gamma   90.000
#
_symmetry.space_group_name_H-M   'C 1 2 1'
#
loop_
_entity.id
_entity.type
_entity.pdbx_description
1 polymer 'fluvirucin B1 DH domain from module 1'
2 water water
#
_entity_poly.entity_id   1
_entity_poly.type   'polypeptide(L)'
_entity_poly.pdbx_seq_one_letter_code
;MGSSHHHHHHSSGLVPRGSHMAGASDAGGLGQAAVDHPMLGAAVELPDQGGMVLTGRISTTTHPWLADHGVGETVLFPGT
GFVELAVRAGDEVGCPVLEELTLEAPLVIEGDEPVQLQVAVTAAGEDGRREVAVHARTGQRPWTRHAAGTLTATSSTPSP
ADEQWPPAGAAAVDVSGHYEALANTGYGYGPAFQGLKRAWIRGNEVFAEVELDEREAAEAGGYGIHPALLDAALHATGLI
EQAEGVALPFAWNGVELLASGAQRVRVHAQPTDDGATSLHITDTTGAPVAGITSLISRPLPAGGLSSRPRSG
;
_entity_poly.pdbx_strand_id   A,B,C,D
#
# COMPACT_ATOMS: atom_id res chain seq x y z
N SER A 25 -34.17 39.99 2.64
CA SER A 25 -33.89 38.81 1.82
C SER A 25 -35.15 38.32 1.12
N ASP A 26 -35.00 37.26 0.32
CA ASP A 26 -36.15 36.55 -0.21
C ASP A 26 -36.91 35.85 0.92
N ALA A 27 -36.23 34.95 1.64
CA ALA A 27 -36.89 34.22 2.71
C ALA A 27 -37.42 35.16 3.78
N GLY A 28 -36.68 36.22 4.10
CA GLY A 28 -37.15 37.15 5.11
C GLY A 28 -38.47 37.81 4.74
N GLY A 29 -38.60 38.23 3.48
CA GLY A 29 -39.84 38.85 3.04
C GLY A 29 -41.06 37.95 3.17
N LEU A 30 -40.85 36.64 3.24
CA LEU A 30 -41.92 35.68 3.44
C LEU A 30 -42.17 35.34 4.91
N GLY A 31 -41.45 35.97 5.84
CA GLY A 31 -41.63 35.69 7.25
C GLY A 31 -40.82 34.51 7.74
N GLN A 32 -39.86 34.06 6.95
CA GLN A 32 -38.98 32.95 7.28
C GLN A 32 -37.56 33.47 7.46
N ALA A 33 -36.63 32.54 7.66
CA ALA A 33 -35.22 32.87 7.78
C ALA A 33 -34.49 32.44 6.51
N ALA A 34 -33.52 33.23 6.07
CA ALA A 34 -32.79 32.82 4.88
C ALA A 34 -31.71 31.81 5.27
N VAL A 35 -31.43 30.89 4.35
CA VAL A 35 -30.32 29.94 4.47
C VAL A 35 -29.42 30.17 3.28
N ASP A 36 -28.13 30.40 3.54
CA ASP A 36 -27.14 30.62 2.48
C ASP A 36 -26.46 29.29 2.15
N HIS A 37 -27.02 28.58 1.17
CA HIS A 37 -26.56 27.27 0.78
C HIS A 37 -27.01 27.07 -0.66
N PRO A 38 -26.24 26.35 -1.49
CA PRO A 38 -26.63 26.21 -2.91
C PRO A 38 -27.90 25.41 -3.15
N MET A 39 -28.30 24.54 -2.22
CA MET A 39 -29.48 23.70 -2.45
C MET A 39 -30.63 24.03 -1.53
N LEU A 40 -30.38 24.72 -0.42
CA LEU A 40 -31.42 25.12 0.53
C LEU A 40 -31.41 26.63 0.69
N GLY A 41 -32.59 27.24 0.66
CA GLY A 41 -32.71 28.67 0.73
C GLY A 41 -33.56 29.23 1.86
N ALA A 42 -34.22 28.36 2.65
CA ALA A 42 -35.12 28.87 3.67
C ALA A 42 -35.19 27.93 4.87
N ALA A 43 -35.27 28.51 6.07
CA ALA A 43 -35.50 27.75 7.30
C ALA A 43 -36.82 28.20 7.91
N VAL A 44 -37.74 27.27 8.08
CA VAL A 44 -39.03 27.57 8.71
C VAL A 44 -39.02 26.90 10.07
N GLU A 45 -38.82 27.70 11.12
CA GLU A 45 -39.06 27.21 12.47
C GLU A 45 -40.54 26.85 12.63
N LEU A 46 -40.80 25.71 13.25
CA LEU A 46 -42.18 25.27 13.49
C LEU A 46 -42.52 25.42 14.96
N PRO A 47 -42.96 26.60 15.39
CA PRO A 47 -43.43 26.74 16.77
C PRO A 47 -44.67 25.89 16.98
N ASP A 48 -44.95 25.67 18.25
CA ASP A 48 -45.53 24.45 18.80
C ASP A 48 -44.38 23.86 19.62
N GLN A 49 -44.26 22.54 19.69
CA GLN A 49 -43.00 21.95 20.11
C GLN A 49 -42.38 21.13 18.99
N GLY A 50 -42.82 21.36 17.76
CA GLY A 50 -42.15 20.80 16.60
C GLY A 50 -40.80 21.47 16.41
N GLY A 51 -40.17 21.14 15.30
CA GLY A 51 -38.82 21.60 15.06
C GLY A 51 -38.66 22.58 13.92
N MET A 52 -38.01 22.13 12.86
CA MET A 52 -37.64 23.01 11.76
C MET A 52 -37.76 22.25 10.46
N VAL A 53 -38.07 22.98 9.39
CA VAL A 53 -38.01 22.42 8.05
C VAL A 53 -37.24 23.42 7.20
N LEU A 54 -36.26 22.92 6.45
CA LEU A 54 -35.51 23.71 5.48
C LEU A 54 -35.94 23.28 4.09
N THR A 55 -36.08 24.25 3.20
CA THR A 55 -36.64 24.01 1.89
C THR A 55 -35.68 24.50 0.82
N GLY A 56 -35.71 23.86 -0.34
CA GLY A 56 -34.90 24.31 -1.44
C GLY A 56 -35.39 23.70 -2.74
N ARG A 57 -34.60 23.92 -3.78
CA ARG A 57 -34.94 23.41 -5.10
C ARG A 57 -33.65 23.19 -5.88
N ILE A 58 -33.63 22.15 -6.73
CA ILE A 58 -32.48 21.88 -7.58
C ILE A 58 -32.97 21.50 -8.97
N SER A 59 -32.06 21.58 -9.93
CA SER A 59 -32.33 21.23 -11.33
C SER A 59 -31.00 21.17 -12.05
N THR A 60 -30.94 20.39 -13.13
CA THR A 60 -29.70 20.33 -13.89
C THR A 60 -29.31 21.71 -14.42
N THR A 61 -30.27 22.64 -14.50
CA THR A 61 -29.98 23.97 -14.99
C THR A 61 -29.21 24.80 -13.97
N THR A 62 -29.58 24.69 -12.69
CA THR A 62 -28.95 25.45 -11.63
C THR A 62 -27.83 24.68 -10.94
N HIS A 63 -27.87 23.35 -11.05
CA HIS A 63 -26.88 22.44 -10.47
C HIS A 63 -26.43 21.49 -11.57
N PRO A 64 -25.59 21.96 -12.50
CA PRO A 64 -25.25 21.13 -13.68
C PRO A 64 -24.52 19.84 -13.34
N TRP A 65 -23.91 19.75 -12.16
CA TRP A 65 -23.23 18.52 -11.78
C TRP A 65 -24.21 17.36 -11.58
N LEU A 66 -25.50 17.67 -11.34
CA LEU A 66 -26.51 16.61 -11.22
C LEU A 66 -26.47 15.66 -12.40
N ALA A 67 -26.28 16.20 -13.61
CA ALA A 67 -26.35 15.40 -14.82
C ALA A 67 -25.29 14.33 -14.91
N ASP A 68 -24.30 14.35 -14.01
CA ASP A 68 -23.09 13.58 -14.17
C ASP A 68 -22.95 12.46 -13.16
N HIS A 69 -24.02 12.11 -12.44
CA HIS A 69 -23.99 10.98 -11.53
C HIS A 69 -25.25 10.16 -11.74
N GLY A 70 -25.07 8.89 -12.05
CA GLY A 70 -26.22 8.02 -12.16
C GLY A 70 -25.81 6.59 -12.35
N VAL A 71 -26.73 5.83 -12.92
CA VAL A 71 -26.49 4.45 -13.31
C VAL A 71 -27.09 4.28 -14.69
N GLY A 72 -26.26 3.87 -15.65
CA GLY A 72 -26.76 3.79 -17.01
C GLY A 72 -27.22 5.16 -17.46
N GLU A 73 -28.39 5.22 -18.07
CA GLU A 73 -28.96 6.49 -18.54
C GLU A 73 -29.83 7.16 -17.48
N THR A 74 -29.84 6.65 -16.25
CA THR A 74 -30.66 7.19 -15.18
C THR A 74 -29.82 8.15 -14.33
N VAL A 75 -30.25 9.41 -14.28
CA VAL A 75 -29.62 10.40 -13.41
C VAL A 75 -30.15 10.18 -12.00
N LEU A 76 -29.24 9.98 -11.04
CA LEU A 76 -29.56 9.75 -9.63
C LEU A 76 -28.90 10.81 -8.78
N PHE A 77 -29.67 11.43 -7.90
CA PHE A 77 -29.09 12.31 -6.91
C PHE A 77 -28.10 11.52 -6.06
N PRO A 78 -26.88 12.03 -5.83
CA PRO A 78 -25.88 11.22 -5.11
C PRO A 78 -26.22 11.12 -3.63
N GLY A 79 -26.03 9.93 -3.06
CA GLY A 79 -26.21 9.76 -1.62
C GLY A 79 -25.45 10.78 -0.81
N THR A 80 -24.29 11.20 -1.30
CA THR A 80 -23.53 12.25 -0.62
C THR A 80 -24.27 13.57 -0.62
N GLY A 81 -25.16 13.79 -1.58
CA GLY A 81 -25.96 15.00 -1.52
C GLY A 81 -26.88 15.00 -0.32
N PHE A 82 -27.39 13.82 0.05
CA PHE A 82 -28.26 13.73 1.22
C PHE A 82 -27.46 13.95 2.50
N VAL A 83 -26.21 13.46 2.53
CA VAL A 83 -25.31 13.78 3.63
C VAL A 83 -25.15 15.30 3.74
N GLU A 84 -24.93 15.96 2.60
CA GLU A 84 -24.75 17.41 2.64
C GLU A 84 -26.02 18.12 3.11
N LEU A 85 -27.18 17.66 2.66
CA LEU A 85 -28.43 18.29 3.06
C LEU A 85 -28.69 18.11 4.55
N ALA A 86 -28.51 16.88 5.04
CA ALA A 86 -28.75 16.59 6.44
C ALA A 86 -27.79 17.36 7.33
N VAL A 87 -26.52 17.47 6.94
CA VAL A 87 -25.56 18.18 7.79
C VAL A 87 -25.86 19.67 7.82
N ARG A 88 -26.21 20.25 6.66
CA ARG A 88 -26.55 21.68 6.66
C ARG A 88 -27.74 21.97 7.56
N ALA A 89 -28.74 21.08 7.58
CA ALA A 89 -29.87 21.29 8.49
C ALA A 89 -29.41 21.15 9.93
N GLY A 90 -28.49 20.22 10.20
CA GLY A 90 -27.91 20.14 11.52
C GLY A 90 -27.28 21.44 12.00
N ASP A 91 -26.52 22.10 11.12
CA ASP A 91 -25.91 23.38 11.51
C ASP A 91 -26.96 24.40 11.90
N GLU A 92 -28.11 24.37 11.24
CA GLU A 92 -29.11 25.39 11.47
C GLU A 92 -29.73 25.26 12.85
N VAL A 93 -29.67 24.07 13.45
CA VAL A 93 -30.22 23.84 14.78
C VAL A 93 -29.14 23.55 15.80
N GLY A 94 -27.88 23.88 15.51
CA GLY A 94 -26.79 23.59 16.42
C GLY A 94 -26.62 22.11 16.74
N CYS A 95 -26.90 21.24 15.79
CA CYS A 95 -26.72 19.79 15.90
C CYS A 95 -25.92 19.30 14.71
N PRO A 96 -24.62 19.61 14.64
CA PRO A 96 -23.90 19.47 13.38
C PRO A 96 -23.54 18.05 12.98
N VAL A 97 -23.53 17.11 13.93
CA VAL A 97 -22.99 15.76 13.71
C VAL A 97 -24.08 14.82 13.20
N LEU A 98 -23.82 14.19 12.07
CA LEU A 98 -24.75 13.21 11.48
C LEU A 98 -24.47 11.85 12.09
N GLU A 99 -25.16 11.54 13.19
CA GLU A 99 -24.92 10.28 13.89
C GLU A 99 -25.25 9.08 13.01
N GLU A 100 -26.31 9.17 12.24
CA GLU A 100 -26.75 8.06 11.41
C GLU A 100 -27.60 8.64 10.28
N LEU A 101 -27.43 8.09 9.06
CA LEU A 101 -28.38 8.38 7.98
C LEU A 101 -28.51 7.15 7.09
N THR A 102 -29.73 6.71 6.83
CA THR A 102 -30.00 5.61 5.91
C THR A 102 -30.66 6.20 4.67
N LEU A 103 -30.17 5.79 3.49
CA LEU A 103 -30.84 6.13 2.24
C LEU A 103 -31.97 5.13 2.01
N GLU A 104 -33.18 5.64 1.82
CA GLU A 104 -34.35 4.77 1.73
C GLU A 104 -34.80 4.55 0.30
N ALA A 105 -34.98 5.63 -0.47
CA ALA A 105 -35.47 5.54 -1.83
C ALA A 105 -34.57 6.39 -2.71
N PRO A 106 -34.06 5.84 -3.80
CA PRO A 106 -33.29 6.67 -4.74
C PRO A 106 -34.15 7.83 -5.23
N LEU A 107 -33.47 8.94 -5.54
CA LEU A 107 -34.07 10.13 -6.12
C LEU A 107 -33.58 10.22 -7.56
N VAL A 108 -34.48 9.91 -8.50
CA VAL A 108 -34.20 10.05 -9.91
C VAL A 108 -34.44 11.50 -10.33
N ILE A 109 -33.49 12.06 -11.07
CA ILE A 109 -33.66 13.39 -11.66
C ILE A 109 -34.07 13.20 -13.11
N GLU A 110 -35.28 13.63 -13.45
CA GLU A 110 -35.82 13.41 -14.79
C GLU A 110 -35.53 14.64 -15.65
N GLY A 111 -34.45 14.57 -16.44
CA GLY A 111 -34.13 15.67 -17.34
C GLY A 111 -33.80 16.94 -16.57
N ASP A 112 -34.28 18.07 -17.08
CA ASP A 112 -34.08 19.36 -16.43
C ASP A 112 -35.27 19.79 -15.57
N GLU A 113 -36.15 18.86 -15.23
CA GLU A 113 -37.27 19.19 -14.36
C GLU A 113 -36.75 19.57 -12.98
N PRO A 114 -37.23 20.64 -12.38
CA PRO A 114 -36.79 21.01 -11.04
C PRO A 114 -37.33 20.05 -9.98
N VAL A 115 -36.59 19.96 -8.88
CA VAL A 115 -36.94 19.11 -7.75
C VAL A 115 -37.07 19.98 -6.51
N GLN A 116 -38.21 19.86 -5.83
CA GLN A 116 -38.40 20.50 -4.53
C GLN A 116 -37.79 19.65 -3.43
N LEU A 117 -37.02 20.27 -2.54
CA LEU A 117 -36.36 19.57 -1.44
C LEU A 117 -36.93 20.03 -0.12
N GLN A 118 -37.09 19.11 0.84
CA GLN A 118 -37.45 19.50 2.21
C GLN A 118 -36.67 18.65 3.20
N VAL A 119 -36.00 19.31 4.13
CA VAL A 119 -35.23 18.67 5.18
C VAL A 119 -35.92 18.98 6.50
N ALA A 120 -36.49 17.97 7.13
CA ALA A 120 -37.22 18.15 8.37
C ALA A 120 -36.36 17.70 9.55
N VAL A 121 -36.33 18.51 10.60
CA VAL A 121 -35.54 18.26 11.80
C VAL A 121 -36.45 18.38 13.01
N THR A 122 -36.44 17.38 13.89
CA THR A 122 -37.34 17.42 15.03
C THR A 122 -36.75 18.26 16.16
N ALA A 123 -37.59 18.53 17.16
CA ALA A 123 -37.09 19.05 18.42
C ALA A 123 -36.15 18.02 19.02
N ALA A 124 -35.13 18.51 19.73
CA ALA A 124 -34.20 17.60 20.39
C ALA A 124 -34.87 16.94 21.60
N GLY A 125 -34.55 15.67 21.81
CA GLY A 125 -35.06 14.99 23.00
C GLY A 125 -34.36 15.42 24.26
N GLU A 126 -34.50 14.64 25.33
CA GLU A 126 -33.65 14.88 26.49
C GLU A 126 -32.20 14.53 26.20
N ASP A 127 -31.96 13.66 25.21
CA ASP A 127 -30.60 13.26 24.82
C ASP A 127 -29.86 14.34 24.05
N GLY A 128 -30.53 15.41 23.63
CA GLY A 128 -29.90 16.35 22.71
C GLY A 128 -29.78 15.85 21.28
N ARG A 129 -30.48 14.77 20.95
CA ARG A 129 -30.47 14.18 19.62
C ARG A 129 -31.73 14.58 18.87
N ARG A 130 -31.58 14.83 17.57
CA ARG A 130 -32.66 15.26 16.70
C ARG A 130 -32.82 14.27 15.55
N GLU A 131 -34.07 14.02 15.16
CA GLU A 131 -34.36 13.20 13.99
C GLU A 131 -34.38 14.11 12.77
N VAL A 132 -33.85 13.59 11.66
CA VAL A 132 -33.79 14.33 10.42
C VAL A 132 -34.31 13.42 9.32
N ALA A 133 -34.95 14.03 8.31
CA ALA A 133 -35.52 13.33 7.18
C ALA A 133 -35.38 14.24 5.96
N VAL A 134 -35.14 13.65 4.78
CA VAL A 134 -35.11 14.42 3.53
C VAL A 134 -36.22 13.89 2.63
N HIS A 135 -37.11 14.77 2.19
CA HIS A 135 -38.18 14.50 1.24
C HIS A 135 -37.94 15.26 -0.07
N ALA A 136 -38.50 14.75 -1.15
CA ALA A 136 -38.34 15.42 -2.44
C ALA A 136 -39.55 15.11 -3.30
N ARG A 137 -39.79 16.01 -4.25
CA ARG A 137 -40.82 15.77 -5.25
C ARG A 137 -40.58 16.68 -6.44
N THR A 138 -41.13 16.26 -7.59
CA THR A 138 -41.11 17.06 -8.80
C THR A 138 -42.52 17.31 -9.25
N GLY A 139 -42.76 18.50 -9.79
CA GLY A 139 -44.10 18.87 -10.20
C GLY A 139 -45.08 18.71 -9.06
N GLN A 140 -46.21 18.07 -9.36
CA GLN A 140 -47.28 17.85 -8.39
C GLN A 140 -47.36 16.38 -7.98
N ARG A 141 -46.24 15.69 -8.00
CA ARG A 141 -46.17 14.33 -7.47
C ARG A 141 -46.15 14.38 -5.94
N PRO A 142 -46.51 13.28 -5.28
CA PRO A 142 -46.38 13.23 -3.82
C PRO A 142 -44.92 13.23 -3.38
N TRP A 143 -44.67 13.84 -2.23
CA TRP A 143 -43.37 13.77 -1.59
C TRP A 143 -42.96 12.32 -1.36
N THR A 144 -41.68 12.05 -1.56
CA THR A 144 -41.05 10.77 -1.26
C THR A 144 -39.95 11.02 -0.26
N ARG A 145 -39.91 10.20 0.79
CA ARG A 145 -38.80 10.27 1.73
C ARG A 145 -37.61 9.50 1.17
N HIS A 146 -36.46 10.17 1.10
CA HIS A 146 -35.27 9.57 0.52
C HIS A 146 -34.19 9.23 1.54
N ALA A 147 -34.28 9.79 2.74
CA ALA A 147 -33.19 9.68 3.72
C ALA A 147 -33.78 9.97 5.08
N ALA A 148 -33.36 9.22 6.08
CA ALA A 148 -33.82 9.44 7.43
C ALA A 148 -32.68 9.09 8.37
N GLY A 149 -32.51 9.88 9.41
CA GLY A 149 -31.51 9.52 10.40
C GLY A 149 -31.54 10.34 11.66
N THR A 150 -30.37 10.62 12.23
CA THR A 150 -30.27 11.26 13.53
C THR A 150 -29.06 12.18 13.57
N LEU A 151 -29.30 13.41 14.03
CA LEU A 151 -28.27 14.38 14.31
C LEU A 151 -28.01 14.45 15.81
N THR A 152 -26.76 14.72 16.17
CA THR A 152 -26.35 14.90 17.56
C THR A 152 -25.39 16.08 17.61
N ALA A 153 -25.17 16.59 18.82
CA ALA A 153 -24.11 17.57 19.02
C ALA A 153 -22.81 16.93 19.45
N THR A 154 -22.82 15.66 19.82
CA THR A 154 -21.63 14.96 20.28
C THR A 154 -20.62 14.84 19.15
N SER A 155 -19.42 15.39 19.37
CA SER A 155 -18.32 15.28 18.43
C SER A 155 -17.37 14.18 18.86
N SER A 156 -16.76 13.54 17.87
CA SER A 156 -15.68 12.60 18.12
C SER A 156 -14.37 13.36 18.31
N THR A 157 -13.54 12.88 19.23
CA THR A 157 -12.19 13.40 19.35
C THR A 157 -11.45 13.13 18.03
N PRO A 158 -10.82 14.15 17.43
CA PRO A 158 -10.34 14.01 16.06
C PRO A 158 -9.23 12.99 15.92
N SER A 159 -9.10 12.47 14.69
CA SER A 159 -8.11 11.44 14.35
C SER A 159 -6.78 12.09 13.97
N PRO A 160 -5.65 11.41 14.22
CA PRO A 160 -4.34 12.08 14.09
C PRO A 160 -4.04 12.49 12.66
N ALA A 161 -3.59 13.73 12.51
CA ALA A 161 -3.22 14.29 11.21
C ALA A 161 -1.82 13.84 10.78
N ASP A 162 -1.39 12.66 11.20
CA ASP A 162 0.01 12.28 11.03
C ASP A 162 0.36 12.21 9.55
N GLU A 163 1.45 12.87 9.20
CA GLU A 163 1.68 13.21 7.79
C GLU A 163 3.13 12.99 7.41
N GLN A 164 3.38 11.82 6.83
CA GLN A 164 4.00 11.78 5.51
C GLN A 164 2.83 11.58 4.56
N TRP A 165 2.77 12.38 3.49
CA TRP A 165 1.74 12.15 2.49
C TRP A 165 2.41 11.85 1.15
N PRO A 166 2.20 10.66 0.58
CA PRO A 166 1.33 9.63 1.16
C PRO A 166 2.03 8.85 2.28
N PRO A 167 1.27 8.16 3.13
CA PRO A 167 1.89 7.48 4.28
C PRO A 167 2.97 6.50 3.85
N ALA A 168 3.89 6.23 4.77
CA ALA A 168 4.94 5.26 4.49
C ALA A 168 4.33 3.90 4.21
N GLY A 169 5.01 3.14 3.35
CA GLY A 169 4.52 1.85 2.94
C GLY A 169 3.42 1.84 1.89
N ALA A 170 2.94 3.00 1.45
CA ALA A 170 1.86 3.06 0.47
C ALA A 170 2.42 2.99 -0.95
N ALA A 171 1.83 2.12 -1.76
CA ALA A 171 2.29 1.88 -3.12
C ALA A 171 1.37 2.61 -4.09
N ALA A 172 1.96 3.37 -5.03
CA ALA A 172 1.18 4.09 -6.02
C ALA A 172 0.44 3.12 -6.93
N VAL A 173 -0.72 3.55 -7.42
CA VAL A 173 -1.58 2.75 -8.28
C VAL A 173 -1.85 3.53 -9.54
N ASP A 174 -1.76 2.86 -10.70
CA ASP A 174 -2.18 3.46 -11.96
C ASP A 174 -3.70 3.50 -12.00
N VAL A 175 -4.28 4.70 -11.96
CA VAL A 175 -5.72 4.86 -12.06
C VAL A 175 -6.12 5.46 -13.41
N SER A 176 -5.27 5.36 -14.44
CA SER A 176 -5.59 6.03 -15.69
C SER A 176 -6.81 5.40 -16.38
N GLY A 177 -6.97 4.08 -16.32
CA GLY A 177 -8.17 3.41 -16.82
C GLY A 177 -9.28 3.22 -15.80
N HIS A 178 -9.16 3.82 -14.61
CA HIS A 178 -10.10 3.51 -13.52
C HIS A 178 -11.54 3.87 -13.88
N TYR A 179 -11.78 5.11 -14.33
CA TYR A 179 -13.16 5.48 -14.62
C TYR A 179 -13.72 4.73 -15.83
N GLU A 180 -12.86 4.36 -16.78
CA GLU A 180 -13.33 3.50 -17.86
C GLU A 180 -13.77 2.13 -17.33
N ALA A 181 -13.03 1.59 -16.36
CA ALA A 181 -13.43 0.36 -15.71
C ALA A 181 -14.76 0.52 -14.98
N LEU A 182 -14.89 1.60 -14.21
CA LEU A 182 -16.14 1.83 -13.48
C LEU A 182 -17.31 1.96 -14.45
N ALA A 183 -17.08 2.58 -15.60
CA ALA A 183 -18.13 2.67 -16.61
C ALA A 183 -18.55 1.28 -17.08
N ASN A 184 -17.57 0.41 -17.36
CA ASN A 184 -17.89 -0.93 -17.82
C ASN A 184 -18.58 -1.76 -16.76
N THR A 185 -18.28 -1.52 -15.48
CA THR A 185 -18.98 -2.19 -14.40
C THR A 185 -20.45 -1.77 -14.37
N GLY A 186 -20.73 -0.52 -14.69
CA GLY A 186 -22.11 -0.07 -14.72
C GLY A 186 -22.28 1.35 -14.23
N TYR A 187 -21.27 1.90 -13.54
CA TYR A 187 -21.38 3.22 -12.94
C TYR A 187 -21.47 4.30 -14.00
N GLY A 188 -22.26 5.33 -13.70
CA GLY A 188 -22.36 6.48 -14.57
C GLY A 188 -21.79 7.71 -13.90
N TYR A 189 -20.51 7.94 -14.10
CA TYR A 189 -19.79 9.08 -13.52
C TYR A 189 -19.38 9.99 -14.67
N GLY A 190 -20.15 11.05 -14.89
CA GLY A 190 -19.78 12.07 -15.83
C GLY A 190 -18.62 12.91 -15.30
N PRO A 191 -18.21 13.91 -16.11
CA PRO A 191 -17.00 14.69 -15.77
C PRO A 191 -16.96 15.27 -14.35
N ALA A 192 -18.07 15.82 -13.85
CA ALA A 192 -18.05 16.44 -12.53
C ALA A 192 -17.76 15.45 -11.41
N PHE A 193 -18.03 14.16 -11.62
CA PHE A 193 -17.86 13.13 -10.61
C PHE A 193 -16.62 12.29 -10.83
N GLN A 194 -15.76 12.65 -11.77
CA GLN A 194 -14.51 11.92 -12.01
C GLN A 194 -13.34 12.55 -11.26
N GLY A 195 -13.53 12.82 -9.96
CA GLY A 195 -12.54 13.56 -9.19
C GLY A 195 -11.34 12.79 -8.67
N LEU A 196 -11.32 11.46 -8.79
CA LEU A 196 -10.18 10.70 -8.28
C LEU A 196 -8.98 10.91 -9.19
N LYS A 197 -7.89 11.44 -8.65
CA LYS A 197 -6.72 11.76 -9.45
C LYS A 197 -5.53 10.84 -9.19
N ARG A 198 -5.23 10.57 -7.92
CA ARG A 198 -4.10 9.75 -7.52
C ARG A 198 -4.54 8.85 -6.36
N ALA A 199 -3.92 7.67 -6.28
CA ALA A 199 -4.27 6.72 -5.23
C ALA A 199 -3.08 5.83 -4.90
N TRP A 200 -2.97 5.44 -3.63
CA TRP A 200 -1.97 4.53 -3.13
C TRP A 200 -2.64 3.45 -2.27
N ILE A 201 -2.04 2.27 -2.22
CA ILE A 201 -2.58 1.15 -1.45
C ILE A 201 -1.54 0.68 -0.44
N ARG A 202 -2.00 0.44 0.79
CA ARG A 202 -1.14 -0.13 1.84
C ARG A 202 -1.97 -1.13 2.63
N GLY A 203 -1.60 -2.41 2.56
CA GLY A 203 -2.45 -3.43 3.17
C GLY A 203 -3.85 -3.32 2.61
N ASN A 204 -4.86 -3.39 3.48
CA ASN A 204 -6.24 -3.20 3.05
C ASN A 204 -6.73 -1.75 3.16
N GLU A 205 -5.82 -0.78 3.20
CA GLU A 205 -6.15 0.64 3.25
C GLU A 205 -5.83 1.31 1.90
N VAL A 206 -6.60 2.33 1.58
CA VAL A 206 -6.42 3.13 0.38
C VAL A 206 -6.23 4.59 0.76
N PHE A 207 -5.35 5.26 0.03
CA PHE A 207 -5.16 6.70 0.15
C PHE A 207 -5.43 7.31 -1.23
N ALA A 208 -6.08 8.47 -1.24
CA ALA A 208 -6.50 9.07 -2.49
C ALA A 208 -6.33 10.58 -2.42
N GLU A 209 -6.13 11.18 -3.58
CA GLU A 209 -6.30 12.62 -3.74
C GLU A 209 -7.38 12.82 -4.78
N VAL A 210 -8.32 13.71 -4.46
CA VAL A 210 -9.54 13.94 -5.23
C VAL A 210 -9.72 15.44 -5.42
N GLU A 211 -10.03 15.87 -6.64
CA GLU A 211 -10.17 17.30 -6.96
C GLU A 211 -11.40 17.53 -7.82
N LEU A 212 -12.13 18.62 -7.53
CA LEU A 212 -13.25 19.00 -8.38
C LEU A 212 -12.77 19.58 -9.70
N ASP A 213 -13.56 19.37 -10.75
CA ASP A 213 -13.44 20.14 -11.98
C ASP A 213 -13.58 21.64 -11.67
N GLU A 214 -13.12 22.46 -12.61
CA GLU A 214 -13.17 23.90 -12.36
C GLU A 214 -14.61 24.38 -12.17
N ARG A 215 -15.57 23.81 -12.90
CA ARG A 215 -16.95 24.29 -12.78
C ARG A 215 -17.49 24.10 -11.37
N GLU A 216 -17.20 22.95 -10.75
CA GLU A 216 -17.66 22.68 -9.40
C GLU A 216 -16.76 23.34 -8.36
N ALA A 217 -15.47 23.51 -8.66
CA ALA A 217 -14.57 24.21 -7.75
C ALA A 217 -15.02 25.64 -7.52
N ALA A 218 -15.63 26.27 -8.53
CA ALA A 218 -16.07 27.66 -8.40
C ALA A 218 -17.22 27.80 -7.40
N GLU A 219 -18.06 26.78 -7.28
CA GLU A 219 -19.21 26.85 -6.37
C GLU A 219 -18.99 26.03 -5.10
N ALA A 220 -17.77 25.52 -4.87
CA ALA A 220 -17.57 24.61 -3.75
C ALA A 220 -17.59 25.32 -2.41
N GLY A 221 -17.25 26.61 -2.37
CA GLY A 221 -17.17 27.33 -1.10
C GLY A 221 -18.48 27.41 -0.36
N GLY A 222 -19.60 27.39 -1.08
CA GLY A 222 -20.91 27.42 -0.44
C GLY A 222 -21.40 26.11 0.11
N TYR A 223 -20.81 25.00 -0.31
CA TYR A 223 -21.20 23.72 0.25
C TYR A 223 -20.46 23.47 1.55
N GLY A 224 -21.08 22.67 2.41
CA GLY A 224 -20.34 22.05 3.51
C GLY A 224 -19.21 21.22 2.93
N ILE A 225 -19.55 20.26 2.08
CA ILE A 225 -18.58 19.63 1.17
C ILE A 225 -19.33 19.30 -0.12
N HIS A 226 -18.82 19.77 -1.26
CA HIS A 226 -19.52 19.58 -2.51
C HIS A 226 -19.89 18.11 -2.67
N PRO A 227 -21.17 17.79 -2.89
CA PRO A 227 -21.56 16.38 -3.05
C PRO A 227 -20.73 15.63 -4.10
N ALA A 228 -20.25 16.31 -5.15
CA ALA A 228 -19.42 15.62 -6.12
C ALA A 228 -18.03 15.35 -5.58
N LEU A 229 -17.53 16.21 -4.68
CA LEU A 229 -16.23 15.95 -4.07
C LEU A 229 -16.32 14.81 -3.07
N LEU A 230 -17.37 14.78 -2.24
CA LEU A 230 -17.48 13.70 -1.27
C LEU A 230 -17.72 12.37 -1.95
N ASP A 231 -18.48 12.37 -3.05
CA ASP A 231 -18.73 11.11 -3.73
C ASP A 231 -17.45 10.54 -4.34
N ALA A 232 -16.63 11.39 -4.96
CA ALA A 232 -15.44 10.86 -5.58
C ALA A 232 -14.42 10.41 -4.54
N ALA A 233 -14.50 10.97 -3.33
CA ALA A 233 -13.71 10.46 -2.22
C ALA A 233 -13.99 9.00 -1.94
N LEU A 234 -15.13 8.49 -2.41
CA LEU A 234 -15.47 7.10 -2.24
C LEU A 234 -14.98 6.22 -3.37
N HIS A 235 -14.50 6.81 -4.46
CA HIS A 235 -14.17 6.03 -5.65
C HIS A 235 -12.94 5.15 -5.48
N ALA A 236 -12.00 5.56 -4.64
CA ALA A 236 -10.75 4.80 -4.53
C ALA A 236 -10.89 3.52 -3.74
N THR A 237 -11.98 3.37 -2.97
CA THR A 237 -12.14 2.21 -2.10
C THR A 237 -12.32 0.92 -2.88
N GLY A 238 -12.84 1.00 -4.11
CA GLY A 238 -13.03 -0.21 -4.91
C GLY A 238 -11.75 -0.84 -5.42
N LEU A 239 -10.61 -0.16 -5.27
CA LEU A 239 -9.35 -0.67 -5.81
C LEU A 239 -8.92 -1.95 -5.12
N ILE A 240 -9.31 -2.16 -3.87
CA ILE A 240 -8.95 -3.38 -3.18
C ILE A 240 -9.97 -4.49 -3.45
N GLU A 241 -11.24 -4.23 -3.10
CA GLU A 241 -12.27 -5.25 -3.25
C GLU A 241 -12.44 -5.67 -4.70
N GLN A 242 -12.41 -4.70 -5.63
CA GLN A 242 -12.67 -4.95 -7.03
C GLN A 242 -13.97 -5.72 -7.18
N ALA A 243 -15.03 -5.12 -6.64
CA ALA A 243 -16.33 -5.77 -6.59
C ALA A 243 -16.97 -5.82 -7.98
N GLU A 244 -17.40 -7.01 -8.38
CA GLU A 244 -18.33 -7.10 -9.48
C GLU A 244 -19.61 -6.36 -9.12
N GLY A 245 -20.12 -5.58 -10.06
CA GLY A 245 -21.44 -4.98 -9.92
C GLY A 245 -21.39 -3.58 -9.33
N VAL A 246 -22.50 -2.88 -9.51
CA VAL A 246 -22.66 -1.51 -9.03
C VAL A 246 -23.18 -1.56 -7.60
N ALA A 247 -22.60 -0.73 -6.72
CA ALA A 247 -23.11 -0.58 -5.37
C ALA A 247 -23.16 0.91 -5.06
N LEU A 248 -24.19 1.33 -4.34
CA LEU A 248 -24.34 2.72 -3.96
C LEU A 248 -24.35 2.87 -2.45
N PRO A 249 -23.90 4.01 -1.92
CA PRO A 249 -24.00 4.26 -0.47
C PRO A 249 -25.40 4.01 0.04
N PHE A 250 -25.49 3.47 1.25
CA PHE A 250 -26.79 3.13 1.81
C PHE A 250 -26.94 3.63 3.24
N ALA A 251 -25.95 3.38 4.10
CA ALA A 251 -26.05 3.79 5.51
C ALA A 251 -24.77 4.49 5.95
N TRP A 252 -24.93 5.61 6.66
CA TRP A 252 -23.82 6.40 7.15
C TRP A 252 -23.88 6.45 8.67
N ASN A 253 -22.72 6.37 9.33
CA ASN A 253 -22.64 6.62 10.78
C ASN A 253 -21.46 7.49 11.10
N GLY A 254 -21.68 8.42 12.02
CA GLY A 254 -20.63 9.26 12.56
C GLY A 254 -20.02 10.13 11.50
N VAL A 255 -20.83 10.95 10.84
CA VAL A 255 -20.36 11.87 9.79
C VAL A 255 -20.18 13.23 10.44
N GLU A 256 -18.93 13.67 10.53
CA GLU A 256 -18.59 15.00 11.01
C GLU A 256 -17.93 15.78 9.89
N LEU A 257 -18.47 16.96 9.62
CA LEU A 257 -17.82 17.92 8.76
C LEU A 257 -17.02 18.88 9.64
N LEU A 258 -15.70 18.84 9.51
CA LEU A 258 -14.81 19.65 10.35
C LEU A 258 -14.33 20.93 9.68
N ALA A 259 -14.39 21.02 8.35
CA ALA A 259 -13.96 22.22 7.63
C ALA A 259 -14.75 22.31 6.34
N SER A 260 -15.32 23.48 6.07
CA SER A 260 -16.32 23.66 5.02
C SER A 260 -15.69 24.11 3.70
N GLY A 261 -16.37 23.79 2.60
CA GLY A 261 -16.05 24.38 1.31
C GLY A 261 -14.77 23.92 0.63
N ALA A 262 -14.37 22.65 0.81
CA ALA A 262 -13.14 22.19 0.19
C ALA A 262 -13.34 21.95 -1.31
N GLN A 263 -12.25 22.16 -2.04
CA GLN A 263 -12.16 21.88 -3.48
C GLN A 263 -11.35 20.63 -3.79
N ARG A 264 -10.27 20.40 -3.06
CA ARG A 264 -9.41 19.23 -3.22
C ARG A 264 -9.19 18.64 -1.84
N VAL A 265 -9.11 17.31 -1.76
CA VAL A 265 -8.97 16.65 -0.47
C VAL A 265 -8.04 15.45 -0.61
N ARG A 266 -7.54 15.02 0.54
CA ARG A 266 -6.94 13.70 0.69
C ARG A 266 -7.93 12.79 1.39
N VAL A 267 -7.85 11.50 1.08
CA VAL A 267 -8.80 10.51 1.58
C VAL A 267 -8.04 9.32 2.15
N HIS A 268 -8.49 8.84 3.31
CA HIS A 268 -7.93 7.67 3.96
C HIS A 268 -9.09 6.71 4.24
N ALA A 269 -9.21 5.65 3.44
CA ALA A 269 -10.29 4.68 3.63
C ALA A 269 -9.73 3.34 4.09
N GLN A 270 -10.45 2.71 5.02
CA GLN A 270 -10.07 1.38 5.48
C GLN A 270 -11.36 0.68 5.88
N PRO A 271 -11.37 -0.66 5.87
CA PRO A 271 -12.57 -1.35 6.31
C PRO A 271 -12.73 -1.21 7.82
N THR A 272 -13.97 -1.33 8.26
CA THR A 272 -14.28 -1.67 9.64
C THR A 272 -14.67 -3.14 9.68
N ASP A 273 -14.87 -3.66 10.89
CA ASP A 273 -15.28 -5.05 11.07
C ASP A 273 -16.74 -5.31 10.72
N ASP A 274 -17.43 -4.32 10.16
CA ASP A 274 -18.85 -4.43 9.81
C ASP A 274 -19.04 -4.87 8.38
N GLY A 275 -17.96 -5.12 7.64
CA GLY A 275 -18.09 -5.12 6.20
C GLY A 275 -18.30 -3.73 5.65
N ALA A 276 -17.98 -2.71 6.43
CA ALA A 276 -18.16 -1.32 6.07
C ALA A 276 -16.81 -0.66 5.94
N THR A 277 -16.82 0.60 5.48
CA THR A 277 -15.61 1.40 5.26
C THR A 277 -15.65 2.64 6.12
N SER A 278 -14.52 2.99 6.74
CA SER A 278 -14.40 4.29 7.37
C SER A 278 -13.57 5.22 6.48
N LEU A 279 -13.80 6.52 6.60
CA LEU A 279 -13.09 7.47 5.76
C LEU A 279 -12.78 8.72 6.55
N HIS A 280 -11.54 9.18 6.42
CA HIS A 280 -11.08 10.37 7.08
C HIS A 280 -10.47 11.25 6.01
N ILE A 281 -11.02 12.46 5.89
CA ILE A 281 -10.76 13.33 4.77
C ILE A 281 -10.01 14.53 5.31
N THR A 282 -8.91 14.88 4.66
CA THR A 282 -8.10 16.02 5.06
C THR A 282 -7.95 16.93 3.86
N ASP A 283 -7.42 18.12 4.09
CA ASP A 283 -7.14 19.00 2.96
C ASP A 283 -5.68 18.79 2.52
N THR A 284 -5.28 19.47 1.45
CA THR A 284 -3.97 19.21 0.87
C THR A 284 -2.83 19.68 1.75
N THR A 285 -3.11 20.20 2.94
CA THR A 285 -2.07 20.43 3.94
C THR A 285 -2.21 19.52 5.15
N GLY A 286 -3.07 18.52 5.07
CA GLY A 286 -3.23 17.52 6.11
C GLY A 286 -4.22 17.88 7.20
N ALA A 287 -4.84 19.06 7.13
CA ALA A 287 -5.75 19.50 8.17
C ALA A 287 -7.10 18.80 8.00
N PRO A 288 -7.85 18.64 9.08
CA PRO A 288 -9.10 17.86 9.00
C PRO A 288 -10.15 18.54 8.12
N VAL A 289 -10.91 17.73 7.40
CA VAL A 289 -12.04 18.21 6.61
C VAL A 289 -13.33 17.49 6.98
N ALA A 290 -13.30 16.16 6.99
CA ALA A 290 -14.48 15.41 7.37
C ALA A 290 -14.02 14.05 7.85
N GLY A 291 -14.85 13.44 8.69
CA GLY A 291 -14.65 12.06 9.09
C GLY A 291 -15.95 11.31 8.93
N ILE A 292 -15.86 10.11 8.39
CA ILE A 292 -17.01 9.21 8.30
C ILE A 292 -16.62 7.94 9.05
N THR A 293 -17.32 7.67 10.16
CA THR A 293 -16.98 6.48 10.94
C THR A 293 -17.33 5.21 10.19
N SER A 294 -18.51 5.16 9.57
CA SER A 294 -18.90 3.95 8.87
C SER A 294 -19.76 4.29 7.68
N LEU A 295 -19.44 3.69 6.54
CA LEU A 295 -20.28 3.77 5.34
C LEU A 295 -20.55 2.36 4.84
N ILE A 296 -21.82 1.99 4.73
CA ILE A 296 -22.23 0.74 4.11
C ILE A 296 -22.79 1.04 2.74
N SER A 297 -22.30 0.34 1.72
CA SER A 297 -22.82 0.37 0.37
C SER A 297 -23.67 -0.87 0.12
N ARG A 298 -24.60 -0.77 -0.84
CA ARG A 298 -25.45 -1.91 -1.14
C ARG A 298 -25.47 -2.16 -2.65
N PRO A 299 -25.39 -3.41 -3.07
CA PRO A 299 -25.42 -3.72 -4.50
C PRO A 299 -26.74 -3.30 -5.14
N LEU A 300 -26.64 -2.72 -6.34
CA LEU A 300 -27.84 -2.35 -7.07
C LEU A 300 -28.37 -3.54 -7.84
N PRO A 301 -29.65 -3.90 -7.67
CA PRO A 301 -30.20 -5.00 -8.47
C PRO A 301 -30.23 -4.62 -9.94
N ALA A 302 -29.72 -5.51 -10.78
CA ALA A 302 -29.89 -5.37 -12.21
C ALA A 302 -31.37 -5.19 -12.53
N GLY A 303 -31.68 -4.15 -13.31
CA GLY A 303 -33.04 -3.88 -13.72
C GLY A 303 -33.85 -3.08 -12.72
N GLY A 304 -33.26 -2.69 -11.60
CA GLY A 304 -33.95 -1.89 -10.61
C GLY A 304 -34.18 -0.47 -11.07
N LEU A 305 -33.10 0.31 -11.20
CA LEU A 305 -33.25 1.72 -11.49
C LEU A 305 -32.96 2.07 -12.94
N SER A 306 -32.20 1.25 -13.65
CA SER A 306 -32.10 1.33 -15.11
C SER A 306 -32.40 -0.04 -15.70
N SER A 307 -32.50 -0.09 -17.03
CA SER A 307 -32.75 -1.39 -17.65
C SER A 307 -31.55 -2.31 -17.49
N ARG A 308 -31.82 -3.61 -17.53
CA ARG A 308 -30.74 -4.57 -17.61
C ARG A 308 -30.02 -4.44 -18.95
N PRO A 309 -28.73 -4.72 -18.99
CA PRO A 309 -28.04 -4.84 -20.28
C PRO A 309 -28.63 -5.97 -21.09
N ARG A 310 -28.43 -5.91 -22.40
CA ARG A 310 -28.84 -6.99 -23.28
C ARG A 310 -27.83 -8.11 -23.23
N SER A 311 -28.31 -9.34 -23.13
CA SER A 311 -27.40 -10.47 -23.21
C SER A 311 -26.73 -10.53 -24.58
N GLY A 312 -25.53 -11.09 -24.62
CA GLY A 312 -24.76 -11.18 -25.86
C GLY A 312 -24.88 -12.50 -26.60
N SER B 25 -43.02 32.38 -7.34
CA SER B 25 -41.71 32.12 -7.94
C SER B 25 -40.59 32.64 -7.04
N ASP B 26 -40.85 33.72 -6.31
CA ASP B 26 -40.06 33.99 -5.11
C ASP B 26 -40.11 32.80 -4.18
N ALA B 27 -41.32 32.44 -3.73
CA ALA B 27 -41.49 31.24 -2.92
C ALA B 27 -41.10 29.99 -3.70
N GLY B 28 -41.51 29.89 -4.96
CA GLY B 28 -41.22 28.72 -5.74
C GLY B 28 -39.73 28.45 -5.85
N GLY B 29 -38.93 29.51 -5.97
CA GLY B 29 -37.48 29.38 -6.00
C GLY B 29 -36.89 28.84 -4.71
N LEU B 30 -37.61 29.00 -3.59
CA LEU B 30 -37.24 28.37 -2.32
C LEU B 30 -37.84 26.97 -2.16
N GLY B 31 -38.44 26.42 -3.20
CA GLY B 31 -39.05 25.11 -3.09
C GLY B 31 -40.40 25.09 -2.43
N GLN B 32 -41.08 26.22 -2.31
CA GLN B 32 -42.40 26.31 -1.67
C GLN B 32 -43.44 26.78 -2.69
N ALA B 33 -44.68 26.93 -2.22
CA ALA B 33 -45.76 27.41 -3.08
C ALA B 33 -46.06 28.87 -2.76
N ALA B 34 -46.13 29.69 -3.79
CA ALA B 34 -46.45 31.10 -3.60
C ALA B 34 -47.89 31.26 -3.15
N VAL B 35 -48.10 32.18 -2.22
CA VAL B 35 -49.41 32.62 -1.78
C VAL B 35 -49.52 34.09 -2.12
N ASP B 36 -50.61 34.48 -2.79
CA ASP B 36 -50.81 35.87 -3.20
C ASP B 36 -51.79 36.50 -2.22
N HIS B 37 -51.27 36.98 -1.08
CA HIS B 37 -52.04 37.61 -0.01
C HIS B 37 -51.25 38.77 0.54
N PRO B 38 -51.92 39.85 0.96
CA PRO B 38 -51.17 41.01 1.48
C PRO B 38 -50.40 40.72 2.76
N MET B 39 -50.77 39.68 3.51
CA MET B 39 -50.04 39.34 4.73
C MET B 39 -49.35 38.00 4.70
N LEU B 40 -49.76 37.07 3.83
CA LEU B 40 -49.12 35.77 3.73
C LEU B 40 -48.50 35.63 2.35
N GLY B 41 -47.34 34.97 2.28
CA GLY B 41 -46.60 34.94 1.04
C GLY B 41 -46.13 33.58 0.58
N ALA B 42 -46.08 32.60 1.47
CA ALA B 42 -45.66 31.27 1.06
C ALA B 42 -46.46 30.21 1.81
N ALA B 43 -46.64 29.07 1.14
CA ALA B 43 -47.24 27.88 1.73
C ALA B 43 -46.23 26.73 1.70
N VAL B 44 -46.05 26.10 2.86
CA VAL B 44 -45.10 24.99 3.02
C VAL B 44 -45.92 23.73 3.31
N GLU B 45 -46.00 22.83 2.34
CA GLU B 45 -46.68 21.57 2.56
C GLU B 45 -45.75 20.65 3.35
N LEU B 46 -46.22 20.17 4.47
CA LEU B 46 -45.41 19.23 5.23
C LEU B 46 -45.74 17.81 4.80
N PRO B 47 -44.73 16.97 4.57
CA PRO B 47 -44.94 15.55 4.24
C PRO B 47 -44.87 14.63 5.44
N GLN B 49 -47.88 12.73 7.12
CA GLN B 49 -49.19 13.38 7.06
C GLN B 49 -49.00 14.91 7.12
N GLY B 50 -48.46 15.39 8.23
CA GLY B 50 -47.91 16.76 8.26
C GLY B 50 -48.77 18.03 8.28
N GLY B 51 -49.73 18.16 7.36
CA GLY B 51 -50.47 19.41 7.27
C GLY B 51 -49.72 20.48 6.48
N MET B 52 -49.89 21.72 6.88
CA MET B 52 -49.41 22.84 6.09
C MET B 52 -49.14 24.04 6.99
N VAL B 53 -48.18 24.87 6.57
CA VAL B 53 -47.80 26.10 7.27
C VAL B 53 -47.75 27.22 6.24
N LEU B 54 -48.45 28.32 6.52
CA LEU B 54 -48.36 29.53 5.72
C LEU B 54 -47.62 30.60 6.50
N THR B 55 -46.73 31.30 5.83
CA THR B 55 -45.89 32.29 6.49
C THR B 55 -46.06 33.65 5.83
N GLY B 56 -45.77 34.70 6.59
CA GLY B 56 -45.90 36.05 6.12
C GLY B 56 -45.25 37.02 7.09
N ARG B 57 -45.16 38.27 6.66
CA ARG B 57 -44.47 39.32 7.39
C ARG B 57 -45.27 40.62 7.31
N ILE B 58 -45.57 41.20 8.46
CA ILE B 58 -46.28 42.49 8.52
C ILE B 58 -45.45 43.52 9.27
N SER B 59 -45.76 44.79 9.01
CA SER B 59 -45.18 45.92 9.73
C SER B 59 -46.03 47.14 9.44
N THR B 60 -45.81 48.21 10.21
CA THR B 60 -46.49 49.46 9.94
C THR B 60 -45.93 50.21 8.73
N THR B 61 -44.76 49.80 8.22
CA THR B 61 -44.28 50.37 6.96
C THR B 61 -45.02 49.80 5.78
N THR B 62 -45.26 48.49 5.78
CA THR B 62 -45.93 47.82 4.67
C THR B 62 -47.44 47.70 4.88
N HIS B 63 -47.91 47.79 6.12
CA HIS B 63 -49.35 47.73 6.40
C HIS B 63 -49.66 48.91 7.32
N PRO B 64 -49.72 50.12 6.76
CA PRO B 64 -49.80 51.31 7.62
C PRO B 64 -51.05 51.35 8.46
N TRP B 65 -52.10 50.62 8.08
CA TRP B 65 -53.32 50.63 8.89
C TRP B 65 -53.08 49.99 10.25
N LEU B 66 -52.09 49.10 10.35
CA LEU B 66 -51.78 48.45 11.61
C LEU B 66 -51.62 49.45 12.73
N ALA B 67 -51.07 50.62 12.42
CA ALA B 67 -50.77 51.58 13.46
C ALA B 67 -52.00 52.25 14.01
N ASP B 68 -53.17 51.96 13.45
CA ASP B 68 -54.40 52.67 13.80
C ASP B 68 -55.33 51.84 14.67
N HIS B 69 -54.88 50.69 15.16
CA HIS B 69 -55.73 49.85 15.99
C HIS B 69 -54.98 49.43 17.26
N GLY B 70 -55.60 49.69 18.41
CA GLY B 70 -55.00 49.22 19.64
C GLY B 70 -55.70 49.62 20.92
N VAL B 71 -54.92 49.76 21.99
CA VAL B 71 -55.40 50.11 23.32
C VAL B 71 -54.49 51.22 23.84
N GLY B 72 -54.97 52.46 23.80
CA GLY B 72 -54.16 53.59 24.24
C GLY B 72 -53.08 53.89 23.22
N GLU B 73 -51.83 53.92 23.69
CA GLU B 73 -50.67 54.06 22.83
C GLU B 73 -50.14 52.72 22.34
N THR B 74 -50.59 51.62 22.95
CA THR B 74 -50.15 50.28 22.56
C THR B 74 -50.88 49.85 21.29
N VAL B 75 -50.13 49.39 20.30
CA VAL B 75 -50.72 48.88 19.08
C VAL B 75 -50.99 47.39 19.24
N LEU B 76 -52.12 46.93 18.69
CA LEU B 76 -52.53 45.52 18.72
C LEU B 76 -53.02 45.11 17.35
N PHE B 77 -52.43 44.06 16.80
CA PHE B 77 -53.02 43.38 15.66
C PHE B 77 -54.48 43.06 15.96
N PRO B 78 -55.41 43.40 15.09
CA PRO B 78 -56.83 43.24 15.43
C PRO B 78 -57.26 41.79 15.38
N GLY B 79 -58.23 41.45 16.23
CA GLY B 79 -58.78 40.11 16.20
C GLY B 79 -59.23 39.70 14.81
N THR B 80 -59.79 40.65 14.05
CA THR B 80 -60.28 40.34 12.71
C THR B 80 -59.15 39.98 11.76
N GLY B 81 -57.92 40.41 12.02
CA GLY B 81 -56.82 39.96 11.19
C GLY B 81 -56.52 38.48 11.33
N PHE B 82 -56.71 37.93 12.53
CA PHE B 82 -56.52 36.49 12.72
C PHE B 82 -57.61 35.70 12.01
N VAL B 83 -58.84 36.22 12.03
CA VAL B 83 -59.90 35.59 11.24
C VAL B 83 -59.50 35.57 9.76
N GLU B 84 -59.08 36.72 9.24
CA GLU B 84 -58.64 36.80 7.84
C GLU B 84 -57.52 35.81 7.57
N LEU B 85 -56.54 35.72 8.47
CA LEU B 85 -55.44 34.77 8.27
C LEU B 85 -55.92 33.34 8.34
N ALA B 86 -56.80 33.03 9.29
CA ALA B 86 -57.21 31.64 9.47
C ALA B 86 -58.05 31.15 8.29
N VAL B 87 -58.93 32.02 7.77
CA VAL B 87 -59.73 31.66 6.60
C VAL B 87 -58.85 31.49 5.37
N ARG B 88 -57.84 32.36 5.20
CA ARG B 88 -57.00 32.24 4.02
C ARG B 88 -56.20 30.94 4.04
N ALA B 89 -55.73 30.52 5.21
CA ALA B 89 -55.10 29.21 5.30
C ALA B 89 -56.10 28.11 4.94
N GLY B 90 -57.36 28.29 5.37
CA GLY B 90 -58.37 27.29 5.07
C GLY B 90 -58.59 27.16 3.58
N ASP B 91 -58.67 28.30 2.88
CA ASP B 91 -58.75 28.30 1.43
C ASP B 91 -57.66 27.44 0.81
N GLU B 92 -56.46 27.48 1.38
CA GLU B 92 -55.34 26.79 0.76
C GLU B 92 -55.47 25.27 0.86
N VAL B 93 -56.24 24.77 1.82
CA VAL B 93 -56.43 23.32 2.02
C VAL B 93 -57.87 22.91 1.72
N GLY B 94 -58.64 23.77 1.06
CA GLY B 94 -60.02 23.41 0.77
C GLY B 94 -60.93 23.33 1.98
N CYS B 95 -60.62 24.08 3.03
CA CYS B 95 -61.44 24.11 4.24
C CYS B 95 -61.72 25.57 4.59
N PRO B 96 -62.55 26.26 3.82
CA PRO B 96 -62.69 27.71 4.01
C PRO B 96 -63.54 28.12 5.20
N VAL B 97 -64.33 27.21 5.76
CA VAL B 97 -65.21 27.58 6.86
C VAL B 97 -64.42 27.58 8.16
N LEU B 98 -64.47 28.70 8.88
CA LEU B 98 -63.82 28.83 10.18
C LEU B 98 -64.86 28.48 11.24
N GLU B 99 -64.85 27.22 11.66
CA GLU B 99 -65.86 26.71 12.58
C GLU B 99 -65.72 27.33 13.96
N GLU B 100 -64.49 27.52 14.41
CA GLU B 100 -64.24 28.03 15.74
C GLU B 100 -62.86 28.68 15.74
N LEU B 101 -62.72 29.73 16.55
CA LEU B 101 -61.45 30.44 16.71
C LEU B 101 -61.48 31.19 18.02
N THR B 102 -60.60 30.82 18.94
CA THR B 102 -60.40 31.51 20.20
C THR B 102 -59.11 32.31 20.10
N LEU B 103 -59.14 33.55 20.58
CA LEU B 103 -57.95 34.39 20.57
C LEU B 103 -57.33 34.41 21.96
N GLU B 104 -56.02 34.15 22.02
CA GLU B 104 -55.36 33.87 23.28
C GLU B 104 -54.52 35.05 23.76
N ALA B 105 -53.38 35.28 23.18
CA ALA B 105 -52.59 36.41 23.62
C ALA B 105 -52.71 37.55 22.63
N PRO B 106 -52.75 38.80 23.11
CA PRO B 106 -52.72 39.93 22.18
C PRO B 106 -51.38 39.96 21.46
N LEU B 107 -51.41 40.41 20.21
CA LEU B 107 -50.19 40.58 19.43
C LEU B 107 -49.83 42.07 19.47
N VAL B 108 -48.99 42.44 20.42
CA VAL B 108 -48.50 43.80 20.52
C VAL B 108 -47.49 44.05 19.41
N ILE B 109 -47.70 45.10 18.63
CA ILE B 109 -46.76 45.54 17.61
C ILE B 109 -46.13 46.84 18.09
N GLU B 110 -44.80 46.84 18.21
CA GLU B 110 -44.06 47.99 18.72
C GLU B 110 -43.41 48.72 17.56
N GLY B 111 -43.85 49.96 17.30
CA GLY B 111 -43.25 50.77 16.26
C GLY B 111 -43.37 50.12 14.90
N ASP B 112 -42.32 50.24 14.09
CA ASP B 112 -42.24 49.61 12.78
C ASP B 112 -41.39 48.33 12.80
N GLU B 113 -41.35 47.64 13.93
CA GLU B 113 -40.75 46.32 13.98
C GLU B 113 -41.44 45.41 12.97
N PRO B 114 -40.70 44.61 12.21
CA PRO B 114 -41.34 43.54 11.43
C PRO B 114 -41.89 42.46 12.36
N VAL B 115 -43.00 41.86 11.95
CA VAL B 115 -43.63 40.76 12.68
C VAL B 115 -43.75 39.55 11.76
N GLN B 116 -43.09 38.46 12.14
CA GLN B 116 -43.21 37.20 11.44
C GLN B 116 -44.54 36.54 11.80
N LEU B 117 -45.24 36.02 10.79
CA LEU B 117 -46.51 35.33 10.98
C LEU B 117 -46.43 33.90 10.50
N GLN B 118 -46.99 33.00 11.29
CA GLN B 118 -47.13 31.61 10.87
C GLN B 118 -48.55 31.17 11.11
N VAL B 119 -49.16 30.55 10.11
CA VAL B 119 -50.47 29.92 10.27
C VAL B 119 -50.28 28.44 10.02
N ALA B 120 -50.49 27.65 11.05
CA ALA B 120 -50.26 26.21 11.01
C ALA B 120 -51.60 25.48 10.92
N VAL B 121 -51.72 24.61 9.93
CA VAL B 121 -52.96 23.87 9.67
C VAL B 121 -52.64 22.39 9.73
N THR B 122 -53.34 21.66 10.60
CA THR B 122 -53.09 20.23 10.70
C THR B 122 -53.71 19.49 9.53
N ALA B 123 -53.29 18.23 9.35
CA ALA B 123 -53.98 17.30 8.50
C ALA B 123 -55.44 17.19 8.92
N ALA B 124 -56.29 16.76 7.98
CA ALA B 124 -57.69 16.55 8.30
C ALA B 124 -57.82 15.34 9.21
N GLY B 125 -58.56 15.50 10.30
CA GLY B 125 -58.99 14.36 11.09
C GLY B 125 -59.98 13.55 10.29
N GLU B 126 -60.45 12.43 10.82
CA GLU B 126 -61.39 11.67 10.00
C GLU B 126 -62.78 12.29 10.00
N ASP B 127 -63.06 13.23 10.90
CA ASP B 127 -64.31 13.96 10.88
C ASP B 127 -64.29 15.15 9.93
N GLY B 128 -63.22 15.33 9.15
CA GLY B 128 -63.13 16.40 8.18
C GLY B 128 -62.45 17.66 8.68
N ARG B 129 -62.32 17.84 9.99
CA ARG B 129 -61.85 19.08 10.58
C ARG B 129 -60.33 19.13 10.66
N ARG B 130 -59.79 20.32 10.45
CA ARG B 130 -58.37 20.60 10.67
C ARG B 130 -58.23 21.62 11.80
N GLU B 131 -57.18 21.47 12.61
CA GLU B 131 -56.88 22.49 13.60
C GLU B 131 -56.06 23.60 12.95
N VAL B 132 -56.31 24.83 13.35
CA VAL B 132 -55.54 25.96 12.82
C VAL B 132 -54.96 26.72 14.00
N ALA B 133 -53.78 27.30 13.78
CA ALA B 133 -53.11 28.12 14.79
C ALA B 133 -52.41 29.28 14.10
N VAL B 134 -52.36 30.42 14.80
CA VAL B 134 -51.60 31.56 14.31
C VAL B 134 -50.55 31.91 15.35
N HIS B 135 -49.29 31.89 14.93
CA HIS B 135 -48.17 32.27 15.77
C HIS B 135 -47.49 33.49 15.19
N ALA B 136 -46.73 34.17 16.05
CA ALA B 136 -46.05 35.38 15.63
C ALA B 136 -44.89 35.65 16.58
N ARG B 137 -43.91 36.38 16.06
CA ARG B 137 -42.79 36.82 16.87
C ARG B 137 -42.10 37.95 16.14
N THR B 138 -41.22 38.63 16.87
CA THR B 138 -40.30 39.60 16.30
C THR B 138 -38.88 39.17 16.65
N GLY B 139 -37.93 39.55 15.80
CA GLY B 139 -36.53 39.20 16.04
C GLY B 139 -36.34 37.70 16.20
N GLN B 140 -35.55 37.32 17.21
CA GLN B 140 -35.40 35.93 17.62
C GLN B 140 -36.08 35.65 18.96
N ARG B 141 -36.92 36.57 19.43
CA ARG B 141 -37.77 36.30 20.58
C ARG B 141 -38.67 35.10 20.29
N PRO B 142 -39.10 34.37 21.33
CA PRO B 142 -39.89 33.16 21.09
C PRO B 142 -41.19 33.45 20.36
N TRP B 143 -41.61 32.50 19.53
CA TRP B 143 -42.95 32.53 18.98
C TRP B 143 -43.98 32.50 20.09
N THR B 144 -45.10 33.18 19.85
CA THR B 144 -46.22 33.14 20.77
C THR B 144 -47.48 32.81 19.99
N ARG B 145 -48.30 31.93 20.55
CA ARG B 145 -49.53 31.52 19.90
C ARG B 145 -50.63 32.53 20.25
N HIS B 146 -51.17 33.18 19.23
CA HIS B 146 -52.16 34.23 19.41
C HIS B 146 -53.58 33.80 19.06
N ALA B 147 -53.75 32.70 18.33
CA ALA B 147 -55.09 32.29 17.89
C ALA B 147 -55.08 30.79 17.64
N ALA B 148 -56.20 30.15 17.96
CA ALA B 148 -56.29 28.71 17.79
C ALA B 148 -57.75 28.33 17.58
N GLY B 149 -58.00 27.51 16.57
CA GLY B 149 -59.35 27.05 16.31
C GLY B 149 -59.39 25.91 15.33
N THR B 150 -60.48 25.87 14.55
CA THR B 150 -60.82 24.72 13.73
C THR B 150 -61.31 25.20 12.36
N LEU B 151 -60.86 24.52 11.31
CA LEU B 151 -61.31 24.75 9.94
C LEU B 151 -62.02 23.52 9.42
N THR B 152 -63.05 23.73 8.59
CA THR B 152 -63.79 22.64 7.95
C THR B 152 -64.21 23.07 6.56
N ALA B 153 -64.75 22.09 5.81
CA ALA B 153 -65.50 22.38 4.60
C ALA B 153 -67.01 22.26 4.80
N THR B 154 -67.44 21.80 5.98
CA THR B 154 -68.83 21.78 6.36
C THR B 154 -69.36 23.20 6.39
N SER B 155 -70.26 23.53 5.47
CA SER B 155 -70.78 24.88 5.34
C SER B 155 -72.22 24.92 5.82
N SER B 156 -72.58 26.01 6.48
CA SER B 156 -73.98 26.26 6.83
C SER B 156 -74.66 27.04 5.72
N THR B 157 -75.98 26.90 5.64
CA THR B 157 -76.73 27.62 4.63
C THR B 157 -76.69 29.12 4.91
N PRO B 158 -76.29 29.94 3.95
CA PRO B 158 -76.06 31.36 4.25
C PRO B 158 -77.36 32.14 4.41
N SER B 159 -77.28 33.22 5.18
CA SER B 159 -78.40 34.11 5.39
C SER B 159 -78.84 34.72 4.05
N PRO B 160 -80.14 34.95 3.85
CA PRO B 160 -80.59 35.56 2.59
C PRO B 160 -80.02 36.97 2.41
N ALA B 161 -80.08 37.45 1.17
CA ALA B 161 -79.60 38.79 0.83
C ALA B 161 -80.58 39.86 1.34
N ASP B 162 -80.11 41.12 1.37
CA ASP B 162 -80.92 42.24 1.80
C ASP B 162 -81.94 42.63 0.73
N GLU B 163 -82.95 43.39 1.17
CA GLU B 163 -83.79 44.14 0.23
C GLU B 163 -83.93 45.59 0.66
N GLN B 164 -84.79 45.88 1.64
CA GLN B 164 -85.07 47.27 2.00
C GLN B 164 -83.97 47.84 2.90
N TRP B 165 -83.29 48.86 2.42
CA TRP B 165 -82.27 49.55 3.20
C TRP B 165 -82.57 51.03 3.16
N PRO B 166 -82.57 51.72 4.31
CA PRO B 166 -82.37 51.16 5.65
C PRO B 166 -83.54 50.29 6.05
N PRO B 167 -83.35 49.37 7.00
CA PRO B 167 -84.41 48.38 7.29
C PRO B 167 -85.62 48.99 7.97
N ALA B 168 -86.78 48.42 7.65
CA ALA B 168 -88.06 48.97 8.11
C ALA B 168 -88.21 48.86 9.62
N GLY B 169 -88.58 49.97 10.25
CA GLY B 169 -88.75 50.02 11.69
C GLY B 169 -87.48 50.23 12.49
N ALA B 170 -86.34 50.38 11.84
CA ALA B 170 -85.09 50.66 12.52
C ALA B 170 -84.90 52.17 12.61
N ALA B 171 -84.61 52.66 13.80
CA ALA B 171 -84.43 54.09 14.03
C ALA B 171 -82.99 54.50 13.80
N ALA B 172 -82.79 55.60 13.07
CA ALA B 172 -81.46 56.10 12.82
C ALA B 172 -80.81 56.56 14.12
N VAL B 173 -79.57 56.14 14.34
CA VAL B 173 -78.80 56.51 15.53
C VAL B 173 -77.75 57.54 15.14
N ASP B 174 -77.50 58.50 16.04
CA ASP B 174 -76.47 59.52 15.80
C ASP B 174 -75.10 59.00 16.23
N VAL B 175 -74.31 58.57 15.27
CA VAL B 175 -72.94 58.15 15.54
C VAL B 175 -71.94 59.25 15.18
N SER B 176 -72.41 60.49 15.07
CA SER B 176 -71.55 61.58 14.58
C SER B 176 -70.29 61.73 15.41
N GLY B 177 -70.36 61.41 16.70
CA GLY B 177 -69.20 61.50 17.56
C GLY B 177 -68.95 60.19 18.31
N HIS B 178 -69.28 59.07 17.68
CA HIS B 178 -69.15 57.78 18.35
C HIS B 178 -67.70 57.44 18.64
N TYR B 179 -66.78 57.80 17.73
CA TYR B 179 -65.38 57.46 17.91
C TYR B 179 -64.72 58.29 19.02
N GLU B 180 -65.31 59.43 19.39
CA GLU B 180 -64.82 60.16 20.56
C GLU B 180 -65.26 59.49 21.86
N ALA B 181 -66.48 58.93 21.89
CA ALA B 181 -66.93 58.17 23.05
C ALA B 181 -66.03 56.96 23.33
N LEU B 182 -65.45 56.37 22.29
CA LEU B 182 -64.48 55.29 22.47
C LEU B 182 -63.06 55.80 22.64
N ALA B 183 -62.78 57.06 22.26
CA ALA B 183 -61.42 57.59 22.39
C ALA B 183 -61.04 57.81 23.85
N ASN B 184 -61.97 58.29 24.67
CA ASN B 184 -61.70 58.49 26.09
C ASN B 184 -62.16 57.32 26.95
N THR B 185 -62.93 56.38 26.40
CA THR B 185 -63.20 55.11 27.07
C THR B 185 -61.96 54.23 27.12
N GLY B 186 -61.08 54.35 26.13
CA GLY B 186 -59.85 53.59 26.14
C GLY B 186 -59.47 53.01 24.80
N TYR B 187 -60.42 52.91 23.88
CA TYR B 187 -60.18 52.29 22.59
C TYR B 187 -59.23 53.13 21.74
N GLY B 188 -58.38 52.45 20.97
CA GLY B 188 -57.42 53.12 20.11
C GLY B 188 -57.67 52.92 18.63
N TYR B 189 -58.62 53.68 18.08
CA TYR B 189 -59.02 53.58 16.67
C TYR B 189 -58.55 54.82 15.92
N GLY B 190 -57.40 54.68 15.23
CA GLY B 190 -56.96 55.70 14.31
C GLY B 190 -57.83 55.73 13.06
N PRO B 191 -57.43 56.59 12.10
CA PRO B 191 -58.29 56.83 10.92
C PRO B 191 -58.67 55.58 10.15
N ALA B 192 -57.78 54.59 10.01
CA ALA B 192 -58.08 53.42 9.17
C ALA B 192 -59.20 52.57 9.76
N PHE B 193 -59.39 52.61 11.07
CA PHE B 193 -60.41 51.82 11.75
C PHE B 193 -61.61 52.66 12.18
N GLN B 194 -61.75 53.88 11.67
CA GLN B 194 -62.92 54.72 11.93
C GLN B 194 -63.96 54.52 10.83
N GLY B 195 -64.40 53.27 10.69
CA GLY B 195 -65.19 52.90 9.52
C GLY B 195 -66.68 53.15 9.64
N LEU B 196 -67.21 53.19 10.86
CA LEU B 196 -68.65 53.27 11.06
C LEU B 196 -69.18 54.61 10.54
N LYS B 197 -70.12 54.57 9.59
CA LYS B 197 -70.67 55.79 9.01
C LYS B 197 -72.14 56.05 9.38
N ARG B 198 -72.97 55.01 9.41
CA ARG B 198 -74.37 55.17 9.76
C ARG B 198 -74.79 53.97 10.59
N ALA B 199 -75.80 54.17 11.44
CA ALA B 199 -76.31 53.05 12.21
C ALA B 199 -77.79 53.23 12.45
N TRP B 200 -78.45 52.12 12.77
CA TRP B 200 -79.85 52.10 13.14
C TRP B 200 -80.08 51.01 14.18
N ILE B 201 -81.12 51.18 14.99
CA ILE B 201 -81.50 50.21 16.01
C ILE B 201 -82.94 49.79 15.77
N ARG B 202 -83.19 48.48 15.81
CA ARG B 202 -84.54 47.94 15.81
C ARG B 202 -84.64 46.88 16.91
N GLY B 203 -85.30 47.22 18.01
CA GLY B 203 -85.31 46.31 19.15
C GLY B 203 -83.89 46.06 19.62
N ASN B 204 -83.52 44.78 19.71
CA ASN B 204 -82.17 44.37 20.09
C ASN B 204 -81.23 44.24 18.89
N GLU B 205 -81.69 44.52 17.68
CA GLU B 205 -80.87 44.47 16.49
C GLU B 205 -80.21 45.82 16.26
N VAL B 206 -79.01 45.79 15.68
CA VAL B 206 -78.36 47.00 15.21
C VAL B 206 -77.96 46.81 13.75
N PHE B 207 -78.14 47.85 12.96
CA PHE B 207 -77.71 47.86 11.57
C PHE B 207 -76.66 48.96 11.37
N ALA B 208 -75.74 48.76 10.44
CA ALA B 208 -74.69 49.74 10.24
C ALA B 208 -74.22 49.76 8.78
N GLU B 209 -73.72 50.93 8.37
CA GLU B 209 -72.91 51.09 7.17
C GLU B 209 -71.49 51.43 7.59
N VAL B 210 -70.52 50.69 7.05
CA VAL B 210 -69.12 50.77 7.41
C VAL B 210 -68.30 50.80 6.12
N GLU B 211 -67.27 51.64 6.09
CA GLU B 211 -66.43 51.75 4.90
C GLU B 211 -65.00 52.11 5.28
N LEU B 212 -64.05 51.61 4.47
CA LEU B 212 -62.63 51.94 4.58
C LEU B 212 -62.32 53.32 4.03
N ASP B 213 -61.28 53.95 4.59
CA ASP B 213 -60.68 55.12 3.96
C ASP B 213 -60.08 54.72 2.60
N GLU B 214 -59.76 55.71 1.77
CA GLU B 214 -59.28 55.41 0.42
C GLU B 214 -57.98 54.62 0.45
N ARG B 215 -57.10 54.92 1.42
CA ARG B 215 -55.85 54.19 1.54
C ARG B 215 -56.09 52.69 1.74
N GLU B 216 -56.95 52.32 2.69
CA GLU B 216 -57.18 50.88 2.86
C GLU B 216 -58.13 50.35 1.80
N ALA B 217 -59.04 51.20 1.32
CA ALA B 217 -59.89 50.82 0.20
C ALA B 217 -59.06 50.38 -1.00
N ALA B 218 -57.96 51.07 -1.26
CA ALA B 218 -57.14 50.75 -2.43
C ALA B 218 -56.54 49.36 -2.31
N GLU B 219 -56.17 48.95 -1.10
CA GLU B 219 -55.65 47.61 -0.82
C GLU B 219 -56.73 46.55 -0.62
N ALA B 220 -58.01 46.93 -0.57
CA ALA B 220 -59.05 46.03 -0.08
C ALA B 220 -59.22 44.82 -0.99
N GLY B 221 -59.18 45.05 -2.30
CA GLY B 221 -59.30 44.01 -3.29
C GLY B 221 -58.42 42.78 -3.07
N GLY B 222 -57.33 42.92 -2.31
CA GLY B 222 -56.39 41.82 -2.10
C GLY B 222 -56.72 40.91 -0.94
N TYR B 223 -57.56 41.36 -0.03
CA TYR B 223 -57.90 40.59 1.15
C TYR B 223 -59.11 39.72 0.91
N GLY B 224 -59.34 38.80 1.83
CA GLY B 224 -60.66 38.19 1.91
C GLY B 224 -61.65 39.25 2.31
N ILE B 225 -61.51 39.72 3.55
CA ILE B 225 -62.12 40.96 3.99
C ILE B 225 -61.03 41.74 4.73
N HIS B 226 -60.79 42.96 4.31
CA HIS B 226 -59.76 43.77 4.93
C HIS B 226 -59.96 43.80 6.44
N PRO B 227 -58.92 43.52 7.23
CA PRO B 227 -59.12 43.45 8.68
C PRO B 227 -59.68 44.73 9.28
N ALA B 228 -59.38 45.91 8.69
CA ALA B 228 -59.90 47.14 9.26
C ALA B 228 -61.39 47.28 9.02
N LEU B 229 -61.88 46.73 7.89
CA LEU B 229 -63.30 46.78 7.58
C LEU B 229 -64.10 45.81 8.44
N LEU B 230 -63.59 44.61 8.69
CA LEU B 230 -64.35 43.67 9.52
C LEU B 230 -64.35 44.11 10.99
N ASP B 231 -63.24 44.69 11.47
CA ASP B 231 -63.25 45.24 12.81
C ASP B 231 -64.31 46.33 12.95
N ALA B 232 -64.30 47.31 12.03
CA ALA B 232 -65.25 48.41 12.13
C ALA B 232 -66.69 47.96 11.95
N ALA B 233 -66.92 46.80 11.31
CA ALA B 233 -68.23 46.18 11.31
C ALA B 233 -68.71 45.81 12.69
N LEU B 234 -67.77 45.64 13.65
CA LEU B 234 -68.14 45.25 15.00
C LEU B 234 -68.52 46.46 15.85
N HIS B 235 -68.19 47.68 15.40
CA HIS B 235 -68.24 48.84 16.29
C HIS B 235 -69.67 49.21 16.68
N ALA B 236 -70.66 48.85 15.87
CA ALA B 236 -72.02 49.29 16.16
C ALA B 236 -72.72 48.39 17.17
N THR B 237 -72.17 47.20 17.46
CA THR B 237 -72.75 46.38 18.52
C THR B 237 -72.62 47.07 19.87
N GLY B 238 -71.59 47.90 20.06
CA GLY B 238 -71.41 48.62 21.30
C GLY B 238 -72.40 49.73 21.53
N LEU B 239 -73.48 49.77 20.73
CA LEU B 239 -74.54 50.75 20.87
C LEU B 239 -75.70 50.25 21.71
N ILE B 240 -76.16 49.02 21.46
CA ILE B 240 -77.30 48.48 22.19
C ILE B 240 -76.94 48.36 23.68
N GLU B 241 -75.91 47.58 23.99
CA GLU B 241 -75.45 47.42 25.37
C GLU B 241 -74.00 47.89 25.45
N GLN B 242 -73.76 48.90 26.28
CA GLN B 242 -72.44 49.48 26.51
C GLN B 242 -71.92 48.98 27.86
N ALA B 243 -70.89 48.15 27.84
CA ALA B 243 -70.41 47.48 29.06
C ALA B 243 -69.31 48.26 29.80
N GLY B 245 -66.01 48.85 30.01
CA GLY B 245 -64.77 49.45 29.53
C GLY B 245 -64.37 48.97 28.15
N VAL B 246 -63.08 48.69 27.95
CA VAL B 246 -62.60 48.18 26.68
C VAL B 246 -62.86 46.68 26.61
N ALA B 247 -63.44 46.23 25.49
CA ALA B 247 -63.74 44.83 25.28
C ALA B 247 -63.50 44.50 23.82
N LEU B 248 -62.86 43.36 23.58
CA LEU B 248 -62.36 42.99 22.26
C LEU B 248 -62.86 41.60 21.87
N PRO B 249 -63.00 41.32 20.58
CA PRO B 249 -63.38 39.97 20.15
C PRO B 249 -62.47 38.93 20.78
N PHE B 250 -63.08 37.81 21.19
CA PHE B 250 -62.35 36.77 21.90
C PHE B 250 -62.58 35.42 21.25
N ALA B 251 -63.84 35.03 21.06
CA ALA B 251 -64.16 33.71 20.53
C ALA B 251 -65.14 33.87 19.38
N TRP B 252 -64.77 33.31 18.23
CA TRP B 252 -65.59 33.30 17.04
C TRP B 252 -66.10 31.90 16.78
N ASN B 253 -67.26 31.83 16.14
CA ASN B 253 -67.90 30.55 15.87
C ASN B 253 -68.72 30.67 14.60
N GLY B 254 -68.56 29.72 13.69
CA GLY B 254 -69.32 29.67 12.45
C GLY B 254 -69.11 30.86 11.55
N VAL B 255 -67.84 31.12 11.20
CA VAL B 255 -67.45 32.25 10.38
C VAL B 255 -67.23 31.79 8.94
N GLU B 256 -67.96 32.37 8.00
CA GLU B 256 -67.76 32.05 6.59
C GLU B 256 -67.68 33.35 5.83
N LEU B 257 -66.66 33.47 4.99
CA LEU B 257 -66.52 34.60 4.10
C LEU B 257 -67.25 34.24 2.81
N LEU B 258 -68.15 35.10 2.37
CA LEU B 258 -69.04 34.75 1.26
C LEU B 258 -68.61 35.37 -0.07
N ALA B 259 -68.02 36.57 -0.02
CA ALA B 259 -67.55 37.32 -1.16
C ALA B 259 -66.38 38.16 -0.70
N SER B 260 -65.43 38.40 -1.60
CA SER B 260 -64.12 38.89 -1.22
C SER B 260 -63.88 40.30 -1.74
N GLY B 261 -62.91 40.98 -1.13
CA GLY B 261 -62.42 42.29 -1.55
C GLY B 261 -63.29 43.49 -1.22
N ALA B 262 -64.32 43.36 -0.37
CA ALA B 262 -65.23 44.47 -0.09
C ALA B 262 -64.48 45.69 0.43
N GLN B 263 -64.93 46.88 0.02
CA GLN B 263 -64.44 48.15 0.56
C GLN B 263 -65.42 48.83 1.52
N ARG B 264 -66.72 48.57 1.35
CA ARG B 264 -67.82 49.11 2.13
C ARG B 264 -68.80 47.97 2.33
N VAL B 265 -69.48 47.93 3.49
CA VAL B 265 -70.43 46.85 3.77
C VAL B 265 -71.60 47.39 4.59
N ARG B 266 -72.68 46.60 4.61
CA ARG B 266 -73.76 46.76 5.57
C ARG B 266 -73.64 45.68 6.64
N VAL B 267 -74.10 46.01 7.85
CA VAL B 267 -73.95 45.08 8.96
C VAL B 267 -75.29 44.92 9.66
N HIS B 268 -75.65 43.67 9.92
CA HIS B 268 -76.85 43.30 10.67
C HIS B 268 -76.35 42.45 11.84
N ALA B 269 -76.44 42.99 13.06
CA ALA B 269 -75.97 42.33 14.26
C ALA B 269 -77.15 42.06 15.19
N GLN B 270 -77.21 40.85 15.73
CA GLN B 270 -78.25 40.40 16.63
C GLN B 270 -77.64 39.63 17.79
N PRO B 271 -78.28 39.66 18.96
CA PRO B 271 -77.88 38.72 20.01
C PRO B 271 -78.32 37.29 19.69
N THR B 272 -77.55 36.34 20.20
CA THR B 272 -77.97 34.95 20.25
C THR B 272 -78.51 34.64 21.65
N ASP B 273 -79.38 33.63 21.73
CA ASP B 273 -79.78 33.21 23.07
C ASP B 273 -78.65 32.52 23.82
N ASP B 274 -77.49 32.36 23.19
CA ASP B 274 -76.27 31.88 23.84
C ASP B 274 -75.50 33.00 24.53
N GLY B 275 -76.03 34.22 24.56
CA GLY B 275 -75.35 35.35 25.16
C GLY B 275 -74.28 35.98 24.31
N ALA B 276 -74.25 35.70 23.01
CA ALA B 276 -73.24 36.26 22.12
C ALA B 276 -73.94 37.06 21.02
N THR B 277 -73.17 37.44 20.01
CA THR B 277 -73.68 38.28 18.92
C THR B 277 -73.53 37.56 17.60
N SER B 278 -74.62 37.53 16.82
CA SER B 278 -74.58 37.14 15.42
C SER B 278 -74.35 38.36 14.53
N LEU B 279 -73.67 38.14 13.40
CA LEU B 279 -73.43 39.23 12.46
C LEU B 279 -73.53 38.71 11.03
N HIS B 280 -74.31 39.42 10.22
CA HIS B 280 -74.52 39.12 8.83
C HIS B 280 -74.10 40.33 8.02
N ILE B 281 -73.15 40.15 7.12
CA ILE B 281 -72.52 41.26 6.45
C ILE B 281 -72.84 41.18 4.97
N THR B 282 -73.31 42.30 4.41
CA THR B 282 -73.66 42.39 3.00
C THR B 282 -72.96 43.60 2.42
N ASP B 283 -72.96 43.66 1.09
CA ASP B 283 -72.42 44.83 0.42
C ASP B 283 -73.55 45.81 0.15
N THR B 284 -73.20 46.89 -0.55
CA THR B 284 -74.08 48.02 -0.76
C THR B 284 -75.25 47.69 -1.68
N THR B 285 -75.23 46.53 -2.34
CA THR B 285 -76.36 46.01 -3.12
C THR B 285 -77.16 44.97 -2.35
N GLY B 286 -76.76 44.67 -1.11
CA GLY B 286 -77.43 43.67 -0.31
C GLY B 286 -76.95 42.26 -0.51
N ALA B 287 -75.95 42.04 -1.39
CA ALA B 287 -75.47 40.67 -1.58
C ALA B 287 -74.60 40.24 -0.40
N PRO B 288 -74.73 38.99 0.03
CA PRO B 288 -73.96 38.51 1.17
C PRO B 288 -72.45 38.72 0.97
N VAL B 289 -71.79 39.15 2.05
CA VAL B 289 -70.34 39.23 2.09
C VAL B 289 -69.75 38.29 3.12
N ALA B 290 -70.38 38.20 4.29
CA ALA B 290 -69.80 37.42 5.38
C ALA B 290 -70.88 37.08 6.39
N GLY B 291 -70.77 35.89 6.96
CA GLY B 291 -71.63 35.51 8.06
C GLY B 291 -70.83 35.03 9.25
N ILE B 292 -71.17 35.53 10.44
CA ILE B 292 -70.52 35.18 11.69
C ILE B 292 -71.59 34.61 12.61
N THR B 293 -71.50 33.31 12.90
CA THR B 293 -72.59 32.66 13.64
C THR B 293 -72.64 33.15 15.10
N SER B 294 -71.50 33.50 15.68
CA SER B 294 -71.47 33.96 17.05
C SER B 294 -70.12 34.59 17.35
N LEU B 295 -70.13 35.73 18.03
CA LEU B 295 -68.91 36.42 18.43
C LEU B 295 -69.05 36.82 19.89
N ILE B 296 -68.20 36.23 20.75
CA ILE B 296 -68.10 36.65 22.14
C ILE B 296 -66.89 37.58 22.26
N SER B 297 -67.07 38.67 22.97
CA SER B 297 -66.00 39.61 23.25
C SER B 297 -65.82 39.72 24.75
N ARG B 298 -64.60 40.06 25.19
CA ARG B 298 -64.28 40.17 26.60
C ARG B 298 -63.30 41.31 26.80
N PRO B 299 -63.28 41.92 27.99
CA PRO B 299 -62.27 42.93 28.31
C PRO B 299 -60.93 42.28 28.62
N LEU B 300 -59.94 43.13 28.91
CA LEU B 300 -58.59 42.70 29.28
C LEU B 300 -57.91 41.93 28.16
N SER B 307 -55.46 41.57 37.69
CA SER B 307 -54.82 42.49 38.64
C SER B 307 -55.61 43.77 38.78
N ARG B 308 -55.58 44.62 37.73
CA ARG B 308 -56.22 45.94 37.73
C ARG B 308 -56.75 46.31 36.36
N PRO B 309 -58.00 46.76 36.26
CA PRO B 309 -58.56 47.19 34.97
C PRO B 309 -58.15 48.63 34.64
N ARG B 310 -58.53 49.07 33.45
CA ARG B 310 -58.32 50.46 33.02
C ARG B 310 -59.65 51.23 33.11
N SER B 311 -59.63 52.49 32.70
CA SER B 311 -60.81 53.34 32.90
C SER B 311 -61.32 54.03 31.63
N ALA C 24 39.92 -34.79 -22.05
CA ALA C 24 39.28 -33.78 -22.90
C ALA C 24 38.62 -32.71 -22.03
N SER C 25 39.39 -32.13 -21.12
CA SER C 25 38.82 -31.29 -20.08
C SER C 25 39.92 -30.42 -19.49
N ASP C 26 39.66 -29.12 -19.36
CA ASP C 26 40.66 -28.23 -18.79
C ASP C 26 41.01 -28.66 -17.38
N ALA C 27 39.97 -28.88 -16.55
CA ALA C 27 40.21 -29.21 -15.16
C ALA C 27 40.72 -30.64 -15.00
N GLY C 28 40.16 -31.58 -15.77
CA GLY C 28 40.60 -32.96 -15.67
C GLY C 28 42.09 -33.10 -15.93
N GLY C 29 42.61 -32.31 -16.89
CA GLY C 29 44.01 -32.39 -17.24
C GLY C 29 44.92 -31.78 -16.19
N LEU C 30 44.35 -31.08 -15.22
CA LEU C 30 45.06 -30.61 -14.04
C LEU C 30 44.84 -31.52 -12.84
N GLY C 31 44.17 -32.65 -13.01
CA GLY C 31 43.94 -33.56 -11.90
C GLY C 31 42.75 -33.22 -11.02
N GLN C 32 41.82 -32.44 -11.52
CA GLN C 32 40.62 -32.01 -10.81
C GLN C 32 39.39 -32.44 -11.59
N ALA C 33 38.21 -32.09 -11.09
CA ALA C 33 36.96 -32.40 -11.76
C ALA C 33 36.42 -31.13 -12.40
N ALA C 34 35.85 -31.27 -13.59
CA ALA C 34 35.26 -30.11 -14.25
C ALA C 34 33.88 -29.82 -13.67
N VAL C 35 33.56 -28.52 -13.59
CA VAL C 35 32.25 -28.02 -13.21
C VAL C 35 31.69 -27.22 -14.39
N ASP C 36 30.46 -27.53 -14.79
CA ASP C 36 29.81 -26.82 -15.90
C ASP C 36 28.87 -25.79 -15.29
N HIS C 37 29.36 -24.55 -15.20
CA HIS C 37 28.66 -23.45 -14.53
C HIS C 37 29.29 -22.15 -14.97
N PRO C 38 28.53 -21.06 -15.10
CA PRO C 38 29.10 -19.82 -15.66
C PRO C 38 30.18 -19.16 -14.80
N MET C 39 30.20 -19.39 -13.49
CA MET C 39 31.15 -18.72 -12.62
C MET C 39 32.13 -19.65 -11.95
N LEU C 40 31.85 -20.95 -11.96
CA LEU C 40 32.71 -21.96 -11.35
C LEU C 40 33.11 -22.97 -12.41
N GLY C 41 34.39 -23.34 -12.45
CA GLY C 41 34.88 -24.16 -13.54
C GLY C 41 35.51 -25.46 -13.10
N ALA C 42 35.94 -25.55 -11.85
CA ALA C 42 36.65 -26.72 -11.36
C ALA C 42 36.23 -27.04 -9.93
N ALA C 43 36.28 -28.32 -9.60
CA ALA C 43 36.04 -28.82 -8.25
C ALA C 43 37.25 -29.62 -7.82
N VAL C 44 37.82 -29.27 -6.67
CA VAL C 44 39.02 -29.89 -6.14
C VAL C 44 38.60 -30.60 -4.87
N GLU C 45 38.64 -31.93 -4.87
CA GLU C 45 38.44 -32.65 -3.63
C GLU C 45 39.66 -32.49 -2.72
N LEU C 46 39.44 -32.68 -1.42
CA LEU C 46 40.52 -32.64 -0.44
C LEU C 46 40.53 -33.94 0.35
N PRO C 47 41.58 -34.75 0.21
CA PRO C 47 41.57 -36.10 0.78
C PRO C 47 41.43 -36.12 2.29
N ASP C 48 41.26 -37.35 2.79
CA ASP C 48 40.81 -37.69 4.14
C ASP C 48 39.40 -37.14 4.32
N GLN C 49 39.14 -36.37 5.38
CA GLN C 49 37.81 -35.80 5.53
C GLN C 49 37.88 -34.29 5.35
N GLY C 50 38.58 -33.83 4.32
CA GLY C 50 38.84 -32.43 4.05
C GLY C 50 37.80 -31.67 3.26
N GLY C 51 36.78 -32.32 2.70
CA GLY C 51 35.79 -31.61 1.91
C GLY C 51 36.25 -31.22 0.51
N MET C 52 35.79 -30.07 0.03
CA MET C 52 35.93 -29.70 -1.37
C MET C 52 36.08 -28.19 -1.50
N VAL C 53 36.79 -27.75 -2.55
CA VAL C 53 36.75 -26.35 -2.98
C VAL C 53 36.45 -26.31 -4.48
N LEU C 54 35.51 -25.44 -4.87
CA LEU C 54 35.24 -25.15 -6.26
C LEU C 54 35.79 -23.78 -6.56
N THR C 55 36.31 -23.60 -7.77
CA THR C 55 36.99 -22.36 -8.12
C THR C 55 36.43 -21.81 -9.42
N GLY C 56 36.57 -20.50 -9.58
CA GLY C 56 36.10 -19.84 -10.79
C GLY C 56 36.66 -18.43 -10.86
N ARG C 57 36.26 -17.74 -11.92
CA ARG C 57 36.76 -16.41 -12.28
C ARG C 57 35.64 -15.68 -13.01
N ILE C 58 35.34 -14.45 -12.57
CA ILE C 58 34.34 -13.59 -13.20
C ILE C 58 34.99 -12.25 -13.51
N SER C 59 34.38 -11.54 -14.46
CA SER C 59 34.70 -10.14 -14.73
C SER C 59 33.54 -9.56 -15.50
N THR C 60 33.54 -8.22 -15.61
CA THR C 60 32.49 -7.59 -16.40
C THR C 60 32.63 -7.93 -17.87
N THR C 61 33.83 -8.31 -18.32
CA THR C 61 33.99 -8.73 -19.72
C THR C 61 33.26 -10.04 -20.00
N THR C 62 33.35 -11.01 -19.08
CA THR C 62 32.74 -12.31 -19.28
C THR C 62 31.36 -12.42 -18.63
N HIS C 63 31.07 -11.60 -17.63
CA HIS C 63 29.77 -11.58 -16.95
C HIS C 63 29.26 -10.14 -16.95
N PRO C 64 28.78 -9.66 -18.09
CA PRO C 64 28.55 -8.21 -18.23
C PRO C 64 27.48 -7.66 -17.29
N TRP C 65 26.59 -8.51 -16.77
CA TRP C 65 25.58 -8.06 -15.83
C TRP C 65 26.17 -7.58 -14.51
N LEU C 66 27.42 -7.93 -14.23
CA LEU C 66 28.07 -7.46 -13.00
C LEU C 66 28.06 -5.94 -12.91
N ALA C 67 28.23 -5.26 -14.05
CA ALA C 67 28.29 -3.82 -14.03
C ALA C 67 26.97 -3.17 -13.63
N ASP C 68 25.87 -3.92 -13.66
CA ASP C 68 24.54 -3.35 -13.44
C ASP C 68 24.01 -3.56 -12.02
N HIS C 69 24.84 -3.96 -11.06
CA HIS C 69 24.40 -4.03 -9.66
C HIS C 69 25.40 -3.32 -8.75
N GLY C 70 24.93 -2.29 -8.05
CA GLY C 70 25.76 -1.67 -7.04
C GLY C 70 24.97 -0.66 -6.24
N VAL C 71 25.71 0.23 -5.58
CA VAL C 71 25.15 1.39 -4.93
C VAL C 71 25.99 2.59 -5.34
N GLY C 72 25.32 3.67 -5.72
CA GLY C 72 26.03 4.82 -6.25
C GLY C 72 26.97 4.40 -7.37
N GLU C 73 28.21 4.86 -7.28
CA GLU C 73 29.25 4.57 -8.25
C GLU C 73 29.96 3.23 -8.00
N THR C 74 29.55 2.49 -6.97
CA THR C 74 30.27 1.30 -6.50
C THR C 74 29.55 0.04 -6.97
N VAL C 75 30.23 -0.74 -7.82
CA VAL C 75 29.69 -2.01 -8.28
C VAL C 75 29.93 -3.08 -7.22
N LEU C 76 28.85 -3.76 -6.83
CA LEU C 76 28.92 -4.84 -5.85
C LEU C 76 28.44 -6.15 -6.47
N PHE C 77 29.15 -7.24 -6.19
CA PHE C 77 28.63 -8.56 -6.48
C PHE C 77 27.34 -8.77 -5.69
N PRO C 78 26.23 -9.11 -6.34
CA PRO C 78 24.94 -9.19 -5.60
C PRO C 78 24.93 -10.35 -4.62
N GLY C 79 24.18 -10.18 -3.54
CA GLY C 79 24.03 -11.27 -2.59
C GLY C 79 23.42 -12.51 -3.20
N THR C 80 22.55 -12.35 -4.20
CA THR C 80 22.01 -13.51 -4.93
C THR C 80 23.10 -14.27 -5.66
N GLY C 81 24.19 -13.61 -6.04
CA GLY C 81 25.31 -14.33 -6.61
C GLY C 81 25.95 -15.30 -5.61
N PHE C 82 26.04 -14.89 -4.34
CA PHE C 82 26.62 -15.78 -3.33
C PHE C 82 25.67 -16.94 -3.04
N VAL C 83 24.36 -16.69 -3.02
CA VAL C 83 23.40 -17.77 -2.91
C VAL C 83 23.59 -18.77 -4.05
N GLU C 84 23.65 -18.26 -5.29
CA GLU C 84 23.85 -19.13 -6.44
C GLU C 84 25.14 -19.96 -6.32
N LEU C 85 26.26 -19.33 -5.93
CA LEU C 85 27.51 -20.06 -5.79
C LEU C 85 27.40 -21.14 -4.73
N ALA C 86 26.86 -20.78 -3.57
CA ALA C 86 26.73 -21.74 -2.48
C ALA C 86 25.91 -22.96 -2.91
N VAL C 87 24.73 -22.72 -3.49
CA VAL C 87 23.86 -23.84 -3.86
C VAL C 87 24.51 -24.70 -4.93
N ARG C 88 25.22 -24.07 -5.89
CA ARG C 88 25.90 -24.84 -6.92
C ARG C 88 27.04 -25.68 -6.33
N ALA C 89 27.74 -25.14 -5.33
CA ALA C 89 28.70 -25.97 -4.59
C ALA C 89 27.99 -27.14 -3.91
N GLY C 90 26.86 -26.86 -3.26
CA GLY C 90 26.10 -27.92 -2.62
C GLY C 90 25.69 -29.00 -3.60
N ASP C 91 25.31 -28.62 -4.81
CA ASP C 91 24.98 -29.60 -5.83
C ASP C 91 26.10 -30.60 -6.01
N GLU C 92 27.33 -30.09 -6.02
CA GLU C 92 28.47 -30.94 -6.30
C GLU C 92 28.63 -32.04 -5.26
N VAL C 93 28.13 -31.83 -4.04
CA VAL C 93 28.39 -32.75 -2.92
C VAL C 93 27.10 -33.35 -2.35
N GLY C 94 25.98 -33.26 -3.07
CA GLY C 94 24.75 -33.82 -2.58
C GLY C 94 24.05 -33.07 -1.46
N CYS C 95 24.39 -31.80 -1.22
CA CYS C 95 23.70 -30.97 -0.23
C CYS C 95 23.22 -29.70 -0.90
N PRO C 96 22.13 -29.77 -1.68
CA PRO C 96 21.72 -28.60 -2.48
C PRO C 96 20.99 -27.52 -1.70
N VAL C 97 20.50 -27.77 -0.48
CA VAL C 97 19.65 -26.82 0.20
C VAL C 97 20.53 -25.90 1.03
N LEU C 98 20.38 -24.59 0.83
CA LEU C 98 21.12 -23.59 1.60
C LEU C 98 20.33 -23.31 2.88
N GLU C 99 20.68 -24.03 3.95
CA GLU C 99 20.01 -23.84 5.23
C GLU C 99 20.19 -22.42 5.77
N GLU C 100 21.40 -21.89 5.67
CA GLU C 100 21.68 -20.54 6.13
C GLU C 100 22.85 -19.96 5.35
N LEU C 101 22.80 -18.66 5.08
CA LEU C 101 23.93 -17.96 4.47
C LEU C 101 23.92 -16.54 4.99
N THR C 102 25.00 -16.12 5.63
CA THR C 102 25.15 -14.75 6.08
C THR C 102 26.23 -14.08 5.25
N LEU C 103 25.93 -12.88 4.73
CA LEU C 103 26.87 -12.16 3.88
C LEU C 103 27.79 -11.33 4.77
N GLU C 104 29.08 -11.38 4.50
CA GLU C 104 29.97 -10.65 5.40
C GLU C 104 30.47 -9.38 4.72
N ALA C 105 31.69 -9.38 4.25
CA ALA C 105 32.14 -8.17 3.57
C ALA C 105 31.53 -8.07 2.18
N PRO C 106 31.24 -6.87 1.70
CA PRO C 106 30.83 -6.71 0.31
C PRO C 106 31.98 -7.06 -0.64
N LEU C 107 31.63 -7.58 -1.79
CA LEU C 107 32.58 -7.85 -2.85
C LEU C 107 32.46 -6.70 -3.83
N VAL C 108 33.36 -5.74 -3.72
CA VAL C 108 33.43 -4.62 -4.65
C VAL C 108 34.17 -5.08 -5.91
N ILE C 109 33.62 -4.74 -7.07
CA ILE C 109 34.20 -5.09 -8.37
C ILE C 109 34.69 -3.80 -8.99
N GLU C 110 36.00 -3.70 -9.22
CA GLU C 110 36.59 -2.47 -9.75
C GLU C 110 36.76 -2.58 -11.25
N GLY C 111 35.82 -2.02 -12.00
CA GLY C 111 35.97 -1.96 -13.45
C GLY C 111 35.92 -3.35 -14.02
N ASP C 112 36.83 -3.64 -14.94
CA ASP C 112 36.92 -4.92 -15.62
C ASP C 112 38.00 -5.82 -15.03
N GLU C 113 38.47 -5.54 -13.81
CA GLU C 113 39.42 -6.43 -13.14
C GLU C 113 38.82 -7.83 -13.00
N PRO C 114 39.57 -8.89 -13.31
CA PRO C 114 39.04 -10.24 -13.08
C PRO C 114 39.05 -10.58 -11.58
N VAL C 115 38.01 -11.30 -11.15
CA VAL C 115 37.84 -11.65 -9.73
C VAL C 115 37.88 -13.17 -9.57
N GLN C 116 38.84 -13.66 -8.79
CA GLN C 116 38.94 -15.08 -8.49
C GLN C 116 37.94 -15.48 -7.40
N LEU C 117 37.23 -16.56 -7.62
CA LEU C 117 36.22 -17.04 -6.68
C LEU C 117 36.63 -18.38 -6.13
N GLN C 118 36.34 -18.62 -4.86
CA GLN C 118 36.57 -19.94 -4.26
C GLN C 118 35.43 -20.24 -3.32
N VAL C 119 34.84 -21.42 -3.46
CA VAL C 119 33.73 -21.86 -2.61
C VAL C 119 34.18 -23.10 -1.86
N ALA C 120 34.26 -23.01 -0.53
CA ALA C 120 34.80 -24.09 0.29
C ALA C 120 33.63 -24.77 0.97
N VAL C 121 33.56 -26.10 0.83
CA VAL C 121 32.54 -26.91 1.47
C VAL C 121 33.25 -27.92 2.34
N THR C 122 32.86 -28.02 3.61
CA THR C 122 33.43 -29.00 4.51
C THR C 122 32.83 -30.38 4.27
N ALA C 123 33.45 -31.39 4.87
CA ALA C 123 32.81 -32.69 4.89
C ALA C 123 31.52 -32.62 5.71
N ALA C 124 30.60 -33.53 5.42
CA ALA C 124 29.33 -33.55 6.13
C ALA C 124 29.53 -34.05 7.55
N GLY C 125 28.75 -33.49 8.47
CA GLY C 125 28.67 -34.04 9.81
C GLY C 125 27.81 -35.29 9.84
N GLU C 126 27.65 -35.84 11.05
CA GLU C 126 26.71 -36.94 11.22
C GLU C 126 25.31 -36.55 10.76
N ASP C 127 24.93 -35.28 10.92
CA ASP C 127 23.60 -34.82 10.52
C ASP C 127 23.50 -34.53 9.02
N GLY C 128 24.54 -34.82 8.24
CA GLY C 128 24.51 -34.56 6.82
C GLY C 128 24.64 -33.11 6.45
N ARG C 129 24.87 -32.22 7.43
CA ARG C 129 25.03 -30.80 7.17
C ARG C 129 26.49 -30.48 6.90
N ARG C 130 26.72 -29.46 6.07
CA ARG C 130 28.05 -29.03 5.68
C ARG C 130 28.16 -27.52 5.82
N GLU C 131 29.32 -27.05 6.23
CA GLU C 131 29.56 -25.63 6.18
C GLU C 131 30.08 -25.22 4.80
N VAL C 132 29.76 -23.98 4.43
CA VAL C 132 30.09 -23.43 3.12
C VAL C 132 30.60 -22.00 3.32
N ALA C 133 31.53 -21.59 2.46
CA ALA C 133 32.13 -20.27 2.61
C ALA C 133 32.54 -19.80 1.23
N VAL C 134 32.37 -18.53 0.95
CA VAL C 134 32.75 -17.96 -0.34
C VAL C 134 33.85 -16.94 -0.11
N HIS C 135 34.99 -17.14 -0.77
CA HIS C 135 36.10 -16.21 -0.76
C HIS C 135 36.33 -15.65 -2.17
N ALA C 136 36.93 -14.46 -2.23
CA ALA C 136 37.22 -13.80 -3.48
C ALA C 136 38.46 -12.95 -3.31
N ARG C 137 39.10 -12.63 -4.44
CA ARG C 137 40.24 -11.71 -4.46
C ARG C 137 40.49 -11.31 -5.92
N THR C 138 41.31 -10.27 -6.09
CA THR C 138 41.80 -9.87 -7.39
C THR C 138 43.32 -9.80 -7.36
N GLY C 139 43.96 -10.22 -8.44
CA GLY C 139 45.40 -10.17 -8.49
C GLY C 139 46.03 -11.10 -7.47
N GLN C 140 47.03 -10.59 -6.76
CA GLN C 140 47.69 -11.32 -5.68
C GLN C 140 47.34 -10.75 -4.31
N ARG C 141 46.26 -9.98 -4.23
CA ARG C 141 45.77 -9.46 -2.97
C ARG C 141 45.24 -10.59 -2.09
N PRO C 142 45.13 -10.39 -0.78
CA PRO C 142 44.69 -11.49 0.10
C PRO C 142 43.24 -11.86 -0.16
N TRP C 143 42.93 -13.12 0.12
CA TRP C 143 41.56 -13.58 0.05
C TRP C 143 40.71 -12.91 1.12
N THR C 144 39.45 -12.67 0.78
CA THR C 144 38.45 -12.09 1.67
C THR C 144 37.26 -13.04 1.66
N ARG C 145 36.74 -13.38 2.84
CA ARG C 145 35.52 -14.16 2.93
C ARG C 145 34.30 -13.24 2.81
N HIS C 146 33.40 -13.55 1.89
CA HIS C 146 32.26 -12.68 1.66
C HIS C 146 30.93 -13.27 2.12
N ALA C 147 30.88 -14.58 2.34
CA ALA C 147 29.66 -15.25 2.74
C ALA C 147 30.03 -16.53 3.45
N ALA C 148 29.23 -16.90 4.45
CA ALA C 148 29.40 -18.15 5.18
C ALA C 148 28.04 -18.66 5.64
N GLY C 149 27.93 -19.97 5.78
CA GLY C 149 26.64 -20.57 6.13
C GLY C 149 26.69 -22.08 6.09
N THR C 150 25.52 -22.68 5.85
CA THR C 150 25.39 -24.12 5.97
C THR C 150 24.57 -24.67 4.83
N LEU C 151 25.00 -25.80 4.29
CA LEU C 151 24.25 -26.59 3.32
C LEU C 151 23.63 -27.81 4.00
N THR C 152 22.47 -28.22 3.50
CA THR C 152 21.81 -29.39 4.01
C THR C 152 21.21 -30.13 2.82
N ALA C 153 20.92 -31.41 3.03
CA ALA C 153 20.15 -32.16 2.06
C ALA C 153 18.66 -32.18 2.38
N THR C 154 18.28 -31.85 3.62
CA THR C 154 16.88 -31.91 4.04
C THR C 154 16.06 -30.83 3.33
N SER C 155 15.01 -31.25 2.65
CA SER C 155 14.13 -30.31 1.96
C SER C 155 12.85 -30.10 2.76
N SER C 156 12.26 -28.92 2.58
CA SER C 156 10.93 -28.64 3.08
C SER C 156 9.90 -29.21 2.10
N THR C 157 8.77 -29.66 2.63
CA THR C 157 7.69 -30.08 1.76
C THR C 157 7.14 -28.86 1.02
N PRO C 158 7.07 -28.90 -0.31
CA PRO C 158 6.81 -27.68 -1.07
C PRO C 158 5.42 -27.13 -0.84
N SER C 159 5.29 -25.83 -1.06
CA SER C 159 4.03 -25.14 -0.84
C SER C 159 2.95 -25.64 -1.80
N PRO C 160 1.69 -25.31 -1.53
CA PRO C 160 0.64 -25.54 -2.52
C PRO C 160 0.94 -24.80 -3.82
N ALA C 161 0.40 -25.34 -4.92
CA ALA C 161 0.63 -24.75 -6.23
C ALA C 161 -0.27 -23.53 -6.44
N ASP C 162 0.25 -22.54 -7.15
CA ASP C 162 -0.51 -21.36 -7.54
C ASP C 162 -1.60 -21.78 -8.53
N GLU C 163 -2.86 -21.65 -8.12
CA GLU C 163 -3.98 -22.07 -8.95
C GLU C 163 -4.81 -20.90 -9.44
N GLN C 164 -4.28 -19.69 -9.32
CA GLN C 164 -4.79 -18.53 -10.05
C GLN C 164 -3.72 -17.47 -10.02
N TRP C 165 -3.28 -17.00 -11.17
CA TRP C 165 -2.32 -15.91 -11.21
C TRP C 165 -3.04 -14.59 -11.39
N PRO C 166 -2.35 -13.47 -11.17
CA PRO C 166 -2.67 -12.62 -10.02
C PRO C 166 -3.71 -13.28 -9.14
N PRO C 167 -3.32 -13.72 -7.93
CA PRO C 167 -4.30 -14.33 -7.02
C PRO C 167 -5.51 -13.44 -6.82
N ALA C 168 -6.60 -14.01 -6.32
CA ALA C 168 -7.91 -13.38 -6.48
C ALA C 168 -7.96 -11.99 -5.86
N GLY C 169 -7.42 -11.83 -4.66
CA GLY C 169 -7.62 -10.54 -4.03
C GLY C 169 -6.69 -9.42 -4.44
N ALA C 170 -5.76 -9.68 -5.35
CA ALA C 170 -4.64 -8.78 -5.57
C ALA C 170 -5.02 -7.55 -6.40
N ALA C 171 -4.44 -6.40 -6.06
CA ALA C 171 -4.65 -5.15 -6.77
C ALA C 171 -3.37 -4.74 -7.48
N ALA C 172 -3.49 -4.42 -8.77
CA ALA C 172 -2.32 -3.98 -9.52
C ALA C 172 -1.76 -2.70 -8.92
N VAL C 173 -0.44 -2.58 -8.93
CA VAL C 173 0.21 -1.36 -8.47
C VAL C 173 1.14 -0.89 -9.58
N ASP C 174 1.52 0.37 -9.49
CA ASP C 174 2.23 1.04 -10.58
C ASP C 174 3.73 0.86 -10.40
N VAL C 175 4.36 0.19 -11.37
CA VAL C 175 5.80 -0.05 -11.37
C VAL C 175 6.56 0.98 -12.20
N SER C 176 5.85 1.85 -12.92
CA SER C 176 6.48 2.65 -13.96
C SER C 176 7.61 3.53 -13.42
N GLY C 177 7.51 4.01 -12.19
CA GLY C 177 8.49 4.90 -11.62
C GLY C 177 9.43 4.28 -10.60
N HIS C 178 9.41 2.96 -10.40
CA HIS C 178 10.09 2.36 -9.26
C HIS C 178 11.62 2.40 -9.39
N TYR C 179 12.17 2.04 -10.55
CA TYR C 179 13.63 2.02 -10.64
C TYR C 179 14.21 3.43 -10.64
N GLU C 180 13.43 4.42 -11.06
CA GLU C 180 13.85 5.80 -10.90
C GLU C 180 13.82 6.20 -9.43
N ALA C 181 12.81 5.74 -8.68
CA ALA C 181 12.78 5.99 -7.24
C ALA C 181 13.96 5.31 -6.57
N LEU C 182 14.20 4.04 -6.87
CA LEU C 182 15.35 3.34 -6.29
C LEU C 182 16.64 4.06 -6.62
N ALA C 183 16.77 4.57 -7.85
CA ALA C 183 18.00 5.27 -8.22
C ALA C 183 18.19 6.55 -7.42
N ASN C 184 17.12 7.25 -7.07
CA ASN C 184 17.30 8.47 -6.28
C ASN C 184 17.58 8.17 -4.81
N THR C 185 17.09 7.03 -4.31
CA THR C 185 17.45 6.59 -2.96
C THR C 185 18.94 6.27 -2.86
N GLY C 186 19.52 5.70 -3.91
CA GLY C 186 20.94 5.39 -3.90
C GLY C 186 21.27 4.05 -4.51
N TYR C 187 20.26 3.25 -4.85
CA TYR C 187 20.53 1.96 -5.46
C TYR C 187 21.12 2.15 -6.85
N GLY C 188 21.97 1.21 -7.24
CA GLY C 188 22.53 1.23 -8.58
C GLY C 188 22.10 -0.02 -9.33
N TYR C 189 20.94 0.04 -9.97
CA TYR C 189 20.38 -1.08 -10.73
C TYR C 189 20.45 -0.73 -12.21
N GLY C 190 21.45 -1.26 -12.92
CA GLY C 190 21.53 -1.08 -14.35
C GLY C 190 20.47 -1.90 -15.10
N PRO C 191 20.55 -1.91 -16.43
CA PRO C 191 19.50 -2.60 -17.20
C PRO C 191 19.28 -4.06 -16.80
N ALA C 192 20.36 -4.84 -16.68
CA ALA C 192 20.18 -6.26 -16.42
C ALA C 192 19.48 -6.53 -15.09
N PHE C 193 19.50 -5.59 -14.15
CA PHE C 193 18.87 -5.82 -12.85
C PHE C 193 17.51 -5.12 -12.73
N GLN C 194 16.96 -4.60 -13.81
CA GLN C 194 15.64 -3.97 -13.73
C GLN C 194 14.56 -4.95 -14.18
N GLY C 195 14.56 -6.15 -13.60
CA GLY C 195 13.69 -7.21 -14.12
C GLY C 195 12.25 -7.16 -13.64
N LEU C 196 11.95 -6.37 -12.62
CA LEU C 196 10.56 -6.30 -12.15
C LEU C 196 9.70 -5.58 -13.18
N LYS C 197 8.69 -6.27 -13.67
CA LYS C 197 7.83 -5.74 -14.72
C LYS C 197 6.41 -5.42 -14.24
N ARG C 198 5.81 -6.27 -13.40
CA ARG C 198 4.43 -6.06 -12.96
C ARG C 198 4.32 -6.55 -11.53
N ALA C 199 3.34 -6.01 -10.81
CA ALA C 199 3.23 -6.33 -9.41
C ALA C 199 1.82 -6.01 -8.92
N TRP C 200 1.40 -6.79 -7.91
CA TRP C 200 0.09 -6.68 -7.27
C TRP C 200 0.26 -6.89 -5.77
N ILE C 201 -0.67 -6.35 -4.99
CA ILE C 201 -0.63 -6.56 -3.55
C ILE C 201 -1.98 -7.03 -3.03
N ARG C 202 -1.91 -7.85 -1.98
CA ARG C 202 -3.09 -8.29 -1.25
C ARG C 202 -2.68 -8.37 0.22
N GLY C 203 -3.26 -7.52 1.05
CA GLY C 203 -2.82 -7.46 2.45
C GLY C 203 -1.34 -7.14 2.54
N ASN C 204 -0.62 -7.94 3.32
CA ASN C 204 0.83 -7.74 3.39
C ASN C 204 1.59 -8.61 2.39
N GLU C 205 0.90 -9.20 1.42
CA GLU C 205 1.55 -10.00 0.40
C GLU C 205 1.82 -9.17 -0.86
N VAL C 206 2.85 -9.56 -1.61
CA VAL C 206 3.20 -8.92 -2.88
C VAL C 206 3.42 -9.98 -3.94
N PHE C 207 2.87 -9.74 -5.12
CA PHE C 207 3.00 -10.67 -6.24
C PHE C 207 3.60 -9.93 -7.40
N ALA C 208 4.51 -10.61 -8.12
CA ALA C 208 5.31 -9.90 -9.12
C ALA C 208 5.68 -10.82 -10.26
N GLU C 209 5.92 -10.21 -11.41
CA GLU C 209 6.43 -10.90 -12.59
C GLU C 209 7.77 -10.27 -12.94
N VAL C 210 8.80 -11.10 -13.09
CA VAL C 210 10.18 -10.66 -13.20
C VAL C 210 10.79 -11.34 -14.42
N GLU C 211 11.44 -10.56 -15.29
CA GLU C 211 11.92 -11.08 -16.57
C GLU C 211 13.33 -10.60 -16.85
N LEU C 212 14.21 -11.50 -17.30
CA LEU C 212 15.56 -11.12 -17.68
C LEU C 212 15.56 -10.39 -19.02
N ASP C 213 16.46 -9.41 -19.16
CA ASP C 213 16.83 -8.86 -20.45
C ASP C 213 17.25 -9.99 -21.39
N GLU C 214 17.16 -9.77 -22.71
CA GLU C 214 17.53 -10.79 -23.69
C GLU C 214 18.96 -11.31 -23.46
N ARG C 215 19.91 -10.40 -23.19
CA ARG C 215 21.30 -10.79 -23.01
C ARG C 215 21.47 -11.79 -21.87
N GLU C 216 20.83 -11.52 -20.72
CA GLU C 216 20.94 -12.47 -19.61
C GLU C 216 20.08 -13.70 -19.84
N ALA C 217 18.94 -13.54 -20.51
CA ALA C 217 18.07 -14.68 -20.81
C ALA C 217 18.81 -15.75 -21.63
N ALA C 218 19.66 -15.33 -22.56
CA ALA C 218 20.41 -16.31 -23.35
C ALA C 218 21.37 -17.13 -22.51
N GLU C 219 21.80 -16.64 -21.37
CA GLU C 219 22.73 -17.37 -20.52
C GLU C 219 22.06 -18.02 -19.32
N ALA C 220 20.77 -17.74 -19.10
CA ALA C 220 20.08 -18.18 -17.89
C ALA C 220 20.07 -19.70 -17.72
N GLY C 221 20.08 -20.46 -18.82
CA GLY C 221 19.98 -21.91 -18.72
C GLY C 221 21.15 -22.53 -17.97
N GLY C 222 22.31 -21.87 -17.98
CA GLY C 222 23.50 -22.41 -17.34
C GLY C 222 23.59 -22.19 -15.85
N TYR C 223 22.84 -21.21 -15.31
CA TYR C 223 22.79 -20.91 -13.89
C TYR C 223 21.73 -21.77 -13.18
N GLY C 224 21.90 -21.91 -11.86
CA GLY C 224 20.82 -22.45 -11.06
C GLY C 224 19.61 -21.53 -11.07
N ILE C 225 19.85 -20.28 -10.72
CA ILE C 225 18.95 -19.18 -11.08
C ILE C 225 19.85 -17.96 -11.27
N HIS C 226 19.71 -17.28 -12.41
CA HIS C 226 20.54 -16.12 -12.72
C HIS C 226 20.54 -15.13 -11.56
N PRO C 227 21.71 -14.76 -11.03
CA PRO C 227 21.73 -13.76 -9.95
C PRO C 227 20.92 -12.50 -10.24
N ALA C 228 20.87 -12.03 -11.49
CA ALA C 228 20.10 -10.84 -11.79
C ALA C 228 18.60 -11.11 -11.73
N LEU C 229 18.21 -12.37 -11.95
CA LEU C 229 16.79 -12.72 -11.86
C LEU C 229 16.36 -12.85 -10.41
N LEU C 230 17.10 -13.63 -9.61
CA LEU C 230 16.75 -13.75 -8.19
C LEU C 230 16.76 -12.38 -7.52
N ASP C 231 17.68 -11.50 -7.90
CA ASP C 231 17.74 -10.22 -7.21
C ASP C 231 16.52 -9.37 -7.54
N ALA C 232 16.18 -9.26 -8.82
CA ALA C 232 14.98 -8.51 -9.18
C ALA C 232 13.73 -9.12 -8.55
N ALA C 233 13.75 -10.43 -8.24
CA ALA C 233 12.61 -11.00 -7.54
C ALA C 233 12.45 -10.36 -6.17
N LEU C 234 13.57 -9.93 -5.57
CA LEU C 234 13.52 -9.28 -4.26
C LEU C 234 12.96 -7.87 -4.35
N HIS C 235 12.89 -7.29 -5.55
CA HIS C 235 12.56 -5.87 -5.65
C HIS C 235 11.08 -5.60 -5.37
N ALA C 236 10.22 -6.59 -5.56
CA ALA C 236 8.79 -6.36 -5.38
C ALA C 236 8.46 -5.92 -3.97
N THR C 237 9.16 -6.51 -3.00
CA THR C 237 9.05 -6.09 -1.60
C THR C 237 9.32 -4.59 -1.46
N GLY C 238 10.33 -4.07 -2.17
CA GLY C 238 10.61 -2.65 -2.08
C GLY C 238 9.43 -1.78 -2.48
N LEU C 239 8.55 -2.29 -3.35
CA LEU C 239 7.41 -1.50 -3.81
C LEU C 239 6.44 -1.20 -2.68
N ILE C 240 6.29 -2.11 -1.70
CA ILE C 240 5.36 -1.85 -0.61
C ILE C 240 6.07 -1.14 0.53
N GLU C 241 7.13 -1.74 1.07
CA GLU C 241 7.63 -1.28 2.36
C GLU C 241 8.17 0.14 2.28
N GLN C 242 8.98 0.41 1.25
CA GLN C 242 9.35 1.78 0.87
C GLN C 242 9.85 2.60 2.05
N ALA C 243 10.64 1.97 2.93
CA ALA C 243 11.40 2.74 3.90
C ALA C 243 12.44 3.57 3.16
N GLU C 244 13.09 4.48 3.88
CA GLU C 244 14.15 5.21 3.21
C GLU C 244 15.46 4.47 3.39
N GLY C 245 16.50 4.99 2.76
CA GLY C 245 17.81 4.44 2.92
C GLY C 245 17.99 3.17 2.12
N VAL C 246 19.25 2.87 1.86
CA VAL C 246 19.63 1.72 1.08
C VAL C 246 19.82 0.53 2.02
N ALA C 247 19.23 -0.60 1.67
CA ALA C 247 19.37 -1.83 2.42
C ALA C 247 19.59 -2.96 1.42
N LEU C 248 20.54 -3.85 1.73
CA LEU C 248 20.91 -4.95 0.87
C LEU C 248 20.72 -6.28 1.60
N PRO C 249 20.56 -7.37 0.86
CA PRO C 249 20.40 -8.69 1.48
C PRO C 249 21.58 -9.06 2.35
N PHE C 250 21.31 -9.80 3.41
CA PHE C 250 22.33 -10.00 4.43
C PHE C 250 22.32 -11.43 4.96
N ALA C 251 21.16 -11.93 5.39
CA ALA C 251 21.04 -13.26 5.97
C ALA C 251 19.90 -14.02 5.29
N TRP C 252 20.22 -15.19 4.74
CA TRP C 252 19.24 -16.08 4.12
C TRP C 252 19.07 -17.33 4.96
N ASN C 253 17.88 -17.92 4.88
CA ASN C 253 17.55 -19.13 5.62
C ASN C 253 16.64 -19.94 4.74
N GLY C 254 16.87 -21.26 4.68
CA GLY C 254 16.02 -22.16 3.90
C GLY C 254 15.87 -21.73 2.46
N VAL C 255 16.96 -21.67 1.70
CA VAL C 255 16.90 -21.35 0.28
C VAL C 255 16.96 -22.67 -0.49
N GLU C 256 15.90 -22.99 -1.22
CA GLU C 256 15.86 -24.22 -2.00
C GLU C 256 15.61 -23.90 -3.46
N LEU C 257 16.47 -24.42 -4.33
CA LEU C 257 16.30 -24.30 -5.78
C LEU C 257 15.69 -25.60 -6.29
N LEU C 258 14.50 -25.48 -6.89
CA LEU C 258 13.69 -26.61 -7.34
C LEU C 258 13.66 -26.81 -8.86
N ALA C 259 13.98 -25.78 -9.63
CA ALA C 259 14.03 -25.88 -11.08
C ALA C 259 15.04 -24.84 -11.54
N SER C 260 15.94 -25.24 -12.42
CA SER C 260 17.08 -24.43 -12.79
C SER C 260 16.89 -23.82 -14.16
N GLY C 261 17.61 -22.74 -14.42
CA GLY C 261 17.63 -22.15 -15.75
C GLY C 261 16.54 -21.16 -16.08
N ALA C 262 15.71 -20.78 -15.12
CA ALA C 262 14.60 -19.85 -15.37
C ALA C 262 15.11 -18.51 -15.88
N GLN C 263 14.32 -17.90 -16.77
CA GLN C 263 14.57 -16.55 -17.24
C GLN C 263 13.42 -15.59 -16.94
N ARG C 264 12.24 -16.11 -16.65
CA ARG C 264 11.09 -15.29 -16.26
C ARG C 264 10.45 -16.02 -15.11
N VAL C 265 10.04 -15.29 -14.06
CA VAL C 265 9.44 -15.92 -12.89
C VAL C 265 8.29 -15.09 -12.35
N ARG C 266 7.44 -15.77 -11.59
CA ARG C 266 6.44 -15.17 -10.73
C ARG C 266 6.95 -15.20 -9.29
N VAL C 267 6.61 -14.20 -8.50
CA VAL C 267 7.12 -14.13 -7.14
C VAL C 267 5.97 -13.87 -6.18
N HIS C 268 5.98 -14.58 -5.05
CA HIS C 268 5.02 -14.41 -3.97
C HIS C 268 5.81 -14.11 -2.70
N ALA C 269 5.85 -12.85 -2.31
CA ALA C 269 6.62 -12.40 -1.16
C ALA C 269 5.66 -11.96 -0.06
N GLN C 270 6.02 -12.29 1.19
CA GLN C 270 5.19 -11.94 2.33
C GLN C 270 6.06 -11.89 3.56
N PRO C 271 5.71 -11.07 4.56
CA PRO C 271 6.51 -11.02 5.80
C PRO C 271 6.50 -12.38 6.50
N THR C 272 7.58 -12.66 7.22
CA THR C 272 7.65 -13.89 7.99
C THR C 272 8.33 -13.61 9.31
N ASP C 273 8.05 -14.49 10.28
CA ASP C 273 8.16 -14.18 11.70
C ASP C 273 9.60 -14.21 12.19
N ASP C 274 10.20 -13.03 12.42
CA ASP C 274 9.60 -11.73 12.13
C ASP C 274 10.65 -10.71 11.71
N GLY C 275 10.19 -9.66 11.03
CA GLY C 275 11.06 -8.72 10.36
C GLY C 275 11.56 -9.18 9.01
N ALA C 276 11.59 -10.49 8.77
CA ALA C 276 12.12 -11.06 7.54
C ALA C 276 11.03 -11.18 6.48
N THR C 277 11.47 -11.41 5.23
CA THR C 277 10.60 -11.61 4.09
C THR C 277 10.72 -13.06 3.63
N SER C 278 9.58 -13.64 3.24
CA SER C 278 9.50 -14.95 2.64
C SER C 278 9.29 -14.80 1.14
N LEU C 279 9.82 -15.74 0.35
CA LEU C 279 9.61 -15.69 -1.10
C LEU C 279 9.40 -17.08 -1.65
N HIS C 280 8.36 -17.21 -2.43
CA HIS C 280 8.08 -18.42 -3.20
C HIS C 280 8.08 -18.01 -4.66
N ILE C 281 8.91 -18.68 -5.46
CA ILE C 281 9.14 -18.29 -6.84
C ILE C 281 8.69 -19.42 -7.77
N THR C 282 7.86 -19.08 -8.76
CA THR C 282 7.39 -20.05 -9.72
C THR C 282 7.70 -19.55 -11.13
N ASP C 283 7.60 -20.46 -12.11
CA ASP C 283 7.80 -20.11 -13.51
C ASP C 283 6.47 -19.65 -14.11
N THR C 284 6.47 -19.27 -15.39
CA THR C 284 5.27 -18.64 -15.91
C THR C 284 4.18 -19.66 -16.24
N THR C 285 4.37 -20.95 -15.94
CA THR C 285 3.31 -21.95 -15.97
C THR C 285 2.86 -22.35 -14.59
N GLY C 286 3.42 -21.75 -13.53
CA GLY C 286 3.04 -22.07 -12.17
C GLY C 286 3.88 -23.12 -11.47
N ALA C 287 4.87 -23.65 -12.10
CA ALA C 287 5.58 -24.70 -11.40
C ALA C 287 6.67 -24.10 -10.52
N PRO C 288 7.02 -24.78 -9.42
CA PRO C 288 8.07 -24.27 -8.52
C PRO C 288 9.39 -24.03 -9.24
N VAL C 289 10.04 -22.94 -8.82
CA VAL C 289 11.39 -22.60 -9.24
C VAL C 289 12.32 -22.54 -8.04
N ALA C 290 11.93 -21.81 -6.99
CA ALA C 290 12.81 -21.63 -5.83
C ALA C 290 11.95 -21.23 -4.65
N GLY C 291 12.46 -21.52 -3.46
CA GLY C 291 11.80 -21.11 -2.23
C GLY C 291 12.83 -20.48 -1.31
N ILE C 292 12.39 -19.47 -0.56
CA ILE C 292 13.25 -18.79 0.39
C ILE C 292 12.46 -18.61 1.67
N THR C 293 12.81 -19.37 2.70
CA THR C 293 12.04 -19.32 3.94
C THR C 293 12.17 -17.96 4.60
N SER C 294 13.33 -17.32 4.47
CA SER C 294 13.54 -16.08 5.19
C SER C 294 14.71 -15.30 4.60
N LEU C 295 14.50 -14.02 4.35
CA LEU C 295 15.51 -13.11 3.82
C LEU C 295 15.50 -11.85 4.68
N ILE C 296 16.63 -11.53 5.27
CA ILE C 296 16.80 -10.35 6.12
C ILE C 296 17.78 -9.42 5.43
N SER C 297 17.42 -8.14 5.33
CA SER C 297 18.23 -7.11 4.72
C SER C 297 18.89 -6.29 5.82
N ARG C 298 19.97 -5.58 5.47
CA ARG C 298 20.65 -4.70 6.41
C ARG C 298 20.75 -3.32 5.79
N PRO C 299 20.43 -2.27 6.52
CA PRO C 299 20.65 -0.91 6.01
C PRO C 299 22.14 -0.66 5.82
N LEU C 300 22.49 0.02 4.71
CA LEU C 300 23.87 0.40 4.43
C LEU C 300 24.21 1.71 5.13
N PRO C 301 25.29 1.74 5.88
CA PRO C 301 25.71 2.99 6.53
C PRO C 301 26.16 4.03 5.51
N ALA C 302 25.62 5.24 5.66
CA ALA C 302 25.78 6.30 4.67
C ALA C 302 27.21 6.42 4.14
N GLY C 303 28.21 6.47 5.02
CA GLY C 303 29.55 6.70 4.47
C GLY C 303 30.43 5.48 4.21
N GLY C 304 29.82 4.30 4.06
CA GLY C 304 30.60 3.07 4.05
C GLY C 304 31.12 2.71 2.67
N LEU C 305 30.29 1.99 1.89
CA LEU C 305 30.73 1.56 0.57
C LEU C 305 31.06 2.75 -0.33
N SER C 306 30.39 3.87 -0.14
CA SER C 306 30.55 5.00 -1.04
C SER C 306 30.29 6.30 -0.27
N SER C 307 30.84 7.39 -0.80
CA SER C 307 30.77 8.69 -0.15
C SER C 307 29.34 9.06 0.18
N ARG C 308 29.19 9.79 1.28
CA ARG C 308 27.89 10.35 1.64
C ARG C 308 27.48 11.38 0.60
N PRO C 309 26.17 11.50 0.32
CA PRO C 309 25.71 12.66 -0.46
C PRO C 309 26.15 13.94 0.21
N ARG C 310 26.30 15.00 -0.59
CA ARG C 310 26.51 16.33 -0.04
C ARG C 310 25.19 16.89 0.47
N SER C 311 25.26 17.62 1.57
CA SER C 311 24.06 18.22 2.16
C SER C 311 23.43 19.30 1.28
N SER D 25 46.16 -18.78 -19.41
CA SER D 25 46.48 -20.15 -19.05
C SER D 25 45.25 -20.95 -18.61
N ASP D 26 45.37 -22.28 -18.65
CA ASP D 26 44.26 -23.15 -18.28
C ASP D 26 43.90 -22.97 -16.81
N ALA D 27 44.90 -22.91 -15.92
CA ALA D 27 44.60 -22.79 -14.50
C ALA D 27 44.06 -21.40 -14.16
N GLY D 28 44.64 -20.35 -14.74
CA GLY D 28 44.13 -19.02 -14.47
C GLY D 28 42.67 -18.88 -14.86
N GLY D 29 42.27 -19.50 -15.97
CA GLY D 29 40.90 -19.38 -16.42
C GLY D 29 39.91 -20.00 -15.46
N LEU D 30 40.39 -20.92 -14.62
CA LEU D 30 39.63 -21.60 -13.59
C LEU D 30 39.75 -20.91 -12.23
N GLY D 31 40.39 -19.74 -12.19
CA GLY D 31 40.56 -19.04 -10.94
C GLY D 31 41.70 -19.55 -10.08
N GLN D 32 42.67 -20.24 -10.66
CA GLN D 32 43.79 -20.86 -9.95
C GLN D 32 45.09 -20.27 -10.48
N ALA D 33 46.21 -20.77 -9.99
CA ALA D 33 47.51 -20.36 -10.50
C ALA D 33 48.12 -21.49 -11.31
N ALA D 34 48.71 -21.15 -12.45
CA ALA D 34 49.39 -22.14 -13.28
C ALA D 34 50.66 -22.65 -12.59
N VAL D 35 50.90 -23.96 -12.70
CA VAL D 35 52.17 -24.56 -12.33
C VAL D 35 52.75 -25.19 -13.59
N ASP D 36 53.95 -24.75 -13.97
CA ASP D 36 54.66 -25.29 -15.13
C ASP D 36 55.58 -26.42 -14.67
N HIS D 37 55.04 -27.63 -14.62
CA HIS D 37 55.77 -28.79 -14.11
C HIS D 37 55.26 -30.01 -14.86
N PRO D 38 56.11 -31.00 -15.15
CA PRO D 38 55.64 -32.16 -15.92
C PRO D 38 54.60 -33.02 -15.22
N MET D 39 54.46 -32.93 -13.90
CA MET D 39 53.47 -33.74 -13.19
C MET D 39 52.40 -32.92 -12.50
N LEU D 40 52.70 -31.68 -12.13
CA LEU D 40 51.75 -30.79 -11.45
C LEU D 40 51.38 -29.65 -12.38
N GLY D 41 50.11 -29.24 -12.33
CA GLY D 41 49.64 -28.26 -13.27
C GLY D 41 48.99 -27.03 -12.67
N ALA D 42 48.53 -27.12 -11.42
CA ALA D 42 47.86 -25.97 -10.82
C ALA D 42 48.16 -25.92 -9.35
N ALA D 43 48.14 -24.70 -8.80
CA ALA D 43 48.25 -24.48 -7.36
C ALA D 43 46.99 -23.76 -6.89
N VAL D 44 46.42 -24.25 -5.79
CA VAL D 44 45.17 -23.71 -5.25
C VAL D 44 45.46 -23.22 -3.84
N GLU D 45 45.44 -21.90 -3.63
CA GLU D 45 45.55 -21.35 -2.29
C GLU D 45 44.25 -21.57 -1.53
N LEU D 46 44.37 -21.88 -0.24
CA LEU D 46 43.19 -22.07 0.59
C LEU D 46 43.17 -20.99 1.66
N PRO D 47 42.16 -20.15 1.71
CA PRO D 47 42.18 -19.01 2.62
C PRO D 47 42.10 -19.41 4.09
N ASP D 48 42.66 -18.53 4.93
CA ASP D 48 42.56 -18.53 6.40
C ASP D 48 43.44 -19.61 7.02
N GLN D 49 44.75 -19.50 6.83
CA GLN D 49 45.73 -20.50 7.26
C GLN D 49 45.32 -21.90 6.78
N GLY D 50 44.70 -21.96 5.60
CA GLY D 50 44.39 -23.22 4.97
C GLY D 50 45.53 -23.82 4.17
N GLY D 51 46.58 -23.06 3.92
CA GLY D 51 47.70 -23.56 3.15
C GLY D 51 47.43 -23.63 1.67
N MET D 52 47.90 -24.69 1.01
CA MET D 52 47.85 -24.80 -0.43
C MET D 52 47.77 -26.26 -0.86
N VAL D 53 47.24 -26.49 -2.06
CA VAL D 53 47.21 -27.80 -2.70
C VAL D 53 47.66 -27.62 -4.14
N LEU D 54 48.58 -28.47 -4.58
CA LEU D 54 48.97 -28.53 -5.97
C LEU D 54 48.41 -29.82 -6.54
N THR D 55 47.85 -29.74 -7.73
CA THR D 55 47.16 -30.87 -8.36
C THR D 55 47.81 -31.20 -9.70
N GLY D 56 47.75 -32.48 -10.07
CA GLY D 56 48.33 -32.93 -11.33
C GLY D 56 47.74 -34.27 -11.76
N ARG D 57 48.21 -34.74 -12.91
CA ARG D 57 47.78 -36.01 -13.48
C ARG D 57 48.96 -36.68 -14.16
N ILE D 58 49.15 -37.97 -13.93
CA ILE D 58 50.17 -38.74 -14.62
C ILE D 58 49.52 -39.97 -15.24
N SER D 59 50.12 -40.47 -16.32
CA SER D 59 49.80 -41.82 -16.77
C SER D 59 51.02 -42.36 -17.50
N THR D 60 50.97 -43.66 -17.83
CA THR D 60 52.04 -44.25 -18.61
C THR D 60 52.02 -43.80 -20.06
N THR D 61 50.96 -43.14 -20.53
CA THR D 61 51.03 -42.63 -21.90
C THR D 61 51.60 -41.23 -21.95
N THR D 62 51.35 -40.38 -20.94
CA THR D 62 51.96 -39.06 -20.92
C THR D 62 53.35 -39.08 -20.28
N HIS D 63 53.60 -40.05 -19.40
CA HIS D 63 54.89 -40.19 -18.72
C HIS D 63 55.35 -41.62 -18.95
N PRO D 64 55.83 -41.93 -20.16
CA PRO D 64 56.10 -43.33 -20.49
C PRO D 64 57.15 -43.96 -19.60
N TRP D 65 58.04 -43.17 -18.99
CA TRP D 65 59.04 -43.74 -18.08
C TRP D 65 58.40 -44.47 -16.91
N LEU D 66 57.17 -44.08 -16.54
CA LEU D 66 56.49 -44.74 -15.45
C LEU D 66 56.51 -46.25 -15.59
N ALA D 67 56.30 -46.75 -16.80
CA ALA D 67 56.19 -48.20 -16.97
C ALA D 67 57.47 -48.94 -16.65
N ASP D 68 58.56 -48.24 -16.34
CA ASP D 68 59.88 -48.88 -16.23
C ASP D 68 60.38 -48.99 -14.79
N HIS D 69 59.55 -48.67 -13.81
CA HIS D 69 59.95 -48.79 -12.41
C HIS D 69 58.91 -49.58 -11.65
N GLY D 70 59.34 -50.70 -11.08
CA GLY D 70 58.42 -51.48 -10.28
C GLY D 70 59.12 -52.62 -9.61
N VAL D 71 58.31 -53.52 -9.07
CA VAL D 71 58.76 -54.74 -8.43
C VAL D 71 58.00 -55.89 -9.06
N GLY D 72 58.71 -56.94 -9.45
CA GLY D 72 58.06 -58.04 -10.14
C GLY D 72 57.40 -57.50 -11.40
N GLU D 73 56.11 -57.80 -11.58
CA GLU D 73 55.33 -57.30 -12.70
C GLU D 73 54.40 -56.16 -12.30
N THR D 74 54.61 -55.57 -11.14
CA THR D 74 53.81 -54.44 -10.66
C THR D 74 54.56 -53.14 -10.89
N VAL D 75 53.90 -52.20 -11.57
CA VAL D 75 54.47 -50.88 -11.81
C VAL D 75 54.16 -49.98 -10.62
N LEU D 76 55.19 -49.39 -10.05
CA LEU D 76 55.09 -48.53 -8.88
C LEU D 76 55.69 -47.16 -9.19
N PHE D 77 55.02 -46.11 -8.74
CA PHE D 77 55.57 -44.76 -8.83
C PHE D 77 56.80 -44.69 -7.93
N PRO D 78 57.96 -44.27 -8.43
CA PRO D 78 59.17 -44.34 -7.60
C PRO D 78 59.13 -43.34 -6.47
N GLY D 79 59.70 -43.75 -5.34
CA GLY D 79 59.77 -42.84 -4.20
C GLY D 79 60.43 -41.52 -4.54
N THR D 80 61.32 -41.51 -5.56
CA THR D 80 61.91 -40.26 -5.99
C THR D 80 60.91 -39.33 -6.68
N GLY D 81 59.81 -39.86 -7.21
CA GLY D 81 58.75 -38.99 -7.71
C GLY D 81 58.07 -38.23 -6.58
N PHE D 82 57.89 -38.89 -5.43
CA PHE D 82 57.32 -38.19 -4.28
C PHE D 82 58.27 -37.12 -3.76
N VAL D 83 59.58 -37.37 -3.79
CA VAL D 83 60.52 -36.34 -3.38
C VAL D 83 60.41 -35.12 -4.30
N GLU D 84 60.37 -35.38 -5.63
CA GLU D 84 60.29 -34.28 -6.60
C GLU D 84 59.00 -33.49 -6.44
N LEU D 85 57.87 -34.20 -6.26
CA LEU D 85 56.58 -33.55 -6.04
C LEU D 85 56.59 -32.70 -4.77
N ALA D 86 57.19 -33.22 -3.70
CA ALA D 86 57.16 -32.51 -2.42
C ALA D 86 58.00 -31.27 -2.48
N VAL D 87 59.17 -31.35 -3.10
CA VAL D 87 60.04 -30.17 -3.19
C VAL D 87 59.41 -29.10 -4.08
N ARG D 88 58.78 -29.52 -5.17
CA ARG D 88 58.16 -28.55 -6.06
C ARG D 88 57.03 -27.81 -5.35
N ALA D 89 56.25 -28.50 -4.53
CA ALA D 89 55.24 -27.82 -3.71
C ALA D 89 55.91 -26.86 -2.73
N GLY D 90 57.02 -27.29 -2.14
CA GLY D 90 57.74 -26.41 -1.23
C GLY D 90 58.18 -25.13 -1.89
N ASP D 91 58.71 -25.24 -3.12
CA ASP D 91 59.07 -24.04 -3.88
C ASP D 91 57.90 -23.07 -3.96
N GLU D 92 56.68 -23.59 -4.18
CA GLU D 92 55.55 -22.70 -4.41
C GLU D 92 55.28 -21.81 -3.21
N VAL D 93 55.57 -22.30 -2.00
CA VAL D 93 55.33 -21.55 -0.77
C VAL D 93 56.62 -21.04 -0.16
N GLY D 94 57.75 -21.11 -0.85
CA GLY D 94 58.96 -20.57 -0.27
C GLY D 94 59.61 -21.45 0.76
N CYS D 95 59.31 -22.74 0.77
CA CYS D 95 59.92 -23.69 1.71
C CYS D 95 60.49 -24.85 0.89
N PRO D 96 61.60 -24.64 0.18
CA PRO D 96 62.11 -25.66 -0.76
C PRO D 96 62.83 -26.85 -0.11
N VAL D 97 63.15 -26.78 1.18
CA VAL D 97 63.97 -27.81 1.84
C VAL D 97 63.03 -28.88 2.39
N LEU D 98 63.18 -30.11 1.90
CA LEU D 98 62.40 -31.24 2.42
C LEU D 98 63.11 -31.77 3.66
N GLU D 99 62.67 -31.31 4.85
CA GLU D 99 63.35 -31.70 6.09
C GLU D 99 63.16 -33.18 6.36
N GLU D 100 62.01 -33.72 5.99
CA GLU D 100 61.72 -35.12 6.29
C GLU D 100 60.61 -35.56 5.36
N LEU D 101 60.68 -36.81 4.89
CA LEU D 101 59.58 -37.37 4.11
C LEU D 101 59.55 -38.87 4.31
N THR D 102 58.37 -39.40 4.64
CA THR D 102 58.18 -40.83 4.87
C THR D 102 57.18 -41.35 3.85
N LEU D 103 57.53 -42.45 3.19
CA LEU D 103 56.68 -43.07 2.19
C LEU D 103 55.92 -44.20 2.87
N GLU D 104 54.59 -44.13 2.84
CA GLU D 104 53.76 -45.02 3.63
C GLU D 104 53.21 -46.19 2.82
N ALA D 105 52.36 -45.91 1.86
CA ALA D 105 51.80 -46.96 1.02
C ALA D 105 52.30 -46.81 -0.40
N PRO D 106 52.62 -47.91 -1.07
CA PRO D 106 53.11 -47.80 -2.46
C PRO D 106 52.00 -47.37 -3.41
N LEU D 107 52.39 -46.57 -4.40
CA LEU D 107 51.47 -46.14 -5.44
C LEU D 107 51.58 -47.12 -6.61
N VAL D 108 50.63 -48.07 -6.68
CA VAL D 108 50.58 -49.01 -7.79
C VAL D 108 49.96 -48.30 -8.99
N ILE D 109 50.62 -48.37 -10.14
CA ILE D 109 50.08 -47.81 -11.38
C ILE D 109 49.61 -48.96 -12.25
N GLU D 110 48.28 -49.09 -12.39
CA GLU D 110 47.68 -50.21 -13.10
C GLU D 110 47.50 -49.84 -14.56
N GLY D 111 48.33 -50.42 -15.43
CA GLY D 111 48.17 -50.21 -16.85
C GLY D 111 48.25 -48.73 -17.20
N ASP D 112 47.46 -48.33 -18.19
CA ASP D 112 47.48 -46.95 -18.66
C ASP D 112 46.52 -46.04 -17.89
N GLU D 113 46.03 -46.47 -16.72
CA GLU D 113 45.07 -45.67 -15.97
C GLU D 113 45.68 -44.32 -15.57
N PRO D 114 45.02 -43.21 -15.86
CA PRO D 114 45.54 -41.92 -15.37
C PRO D 114 45.36 -41.84 -13.86
N VAL D 115 46.33 -41.21 -13.21
CA VAL D 115 46.37 -41.09 -11.76
C VAL D 115 46.31 -39.59 -11.43
N GLN D 116 45.31 -39.22 -10.64
CA GLN D 116 45.26 -37.86 -10.12
C GLN D 116 46.23 -37.73 -8.95
N LEU D 117 47.01 -36.66 -8.95
CA LEU D 117 47.96 -36.39 -7.88
C LEU D 117 47.51 -35.15 -7.09
N GLN D 118 47.71 -35.17 -5.79
CA GLN D 118 47.51 -33.97 -4.99
C GLN D 118 48.60 -33.81 -3.97
N VAL D 119 49.22 -32.63 -3.95
CA VAL D 119 50.27 -32.32 -2.97
C VAL D 119 49.72 -31.22 -2.06
N ALA D 120 49.48 -31.56 -0.80
CA ALA D 120 48.91 -30.64 0.17
C ALA D 120 50.03 -30.10 1.06
N VAL D 121 50.01 -28.79 1.29
CA VAL D 121 50.98 -28.11 2.14
C VAL D 121 50.23 -27.27 3.15
N THR D 122 50.59 -27.37 4.43
CA THR D 122 49.93 -26.54 5.43
C THR D 122 50.53 -25.13 5.43
N ALA D 123 49.81 -24.21 6.09
CA ALA D 123 50.40 -22.95 6.53
C ALA D 123 51.57 -23.22 7.48
N ALA D 124 52.47 -22.24 7.58
CA ALA D 124 53.67 -22.44 8.38
C ALA D 124 53.35 -22.41 9.87
N GLY D 125 53.96 -23.33 10.61
CA GLY D 125 53.85 -23.29 12.05
C GLY D 125 54.64 -22.13 12.62
N GLU D 126 54.62 -22.04 13.96
CA GLU D 126 55.35 -20.98 14.65
C GLU D 126 56.84 -21.07 14.38
N ASP D 127 57.33 -22.27 14.08
CA ASP D 127 58.75 -22.50 13.81
C ASP D 127 59.11 -22.33 12.34
N GLY D 128 58.15 -21.93 11.50
CA GLY D 128 58.38 -21.86 10.07
C GLY D 128 58.19 -23.17 9.31
N ARG D 129 57.96 -24.29 9.99
CA ARG D 129 57.78 -25.57 9.30
C ARG D 129 56.40 -25.67 8.68
N ARG D 130 56.31 -26.43 7.60
CA ARG D 130 55.03 -26.78 6.99
C ARG D 130 54.94 -28.29 6.77
N GLU D 131 53.77 -28.85 7.06
CA GLU D 131 53.52 -30.26 6.73
C GLU D 131 53.20 -30.40 5.25
N VAL D 132 53.72 -31.45 4.64
CA VAL D 132 53.44 -31.74 3.24
C VAL D 132 52.90 -33.15 3.19
N ALA D 133 51.97 -33.39 2.29
CA ALA D 133 51.44 -34.74 2.12
C ALA D 133 51.12 -34.94 0.64
N VAL D 134 51.27 -36.18 0.17
CA VAL D 134 50.99 -36.52 -1.22
C VAL D 134 49.91 -37.59 -1.26
N HIS D 135 48.83 -37.29 -1.97
CA HIS D 135 47.71 -38.20 -2.13
C HIS D 135 47.55 -38.51 -3.61
N ALA D 136 46.97 -39.66 -3.91
CA ALA D 136 46.75 -40.05 -5.29
C ALA D 136 45.52 -40.93 -5.37
N ARG D 137 45.00 -41.07 -6.58
CA ARG D 137 43.84 -41.92 -6.81
C ARG D 137 43.65 -42.06 -8.31
N THR D 138 42.90 -43.10 -8.70
CA THR D 138 42.42 -43.32 -10.05
C THR D 138 40.89 -43.40 -10.03
N GLY D 139 40.28 -43.00 -11.14
CA GLY D 139 38.82 -43.08 -11.25
C GLY D 139 38.15 -42.23 -10.18
N GLN D 140 37.18 -42.83 -9.48
CA GLN D 140 36.56 -42.21 -8.33
C GLN D 140 36.87 -42.98 -7.04
N ARG D 141 37.91 -43.82 -7.06
CA ARG D 141 38.35 -44.52 -5.88
C ARG D 141 38.73 -43.54 -4.78
N PRO D 142 38.72 -43.97 -3.51
CA PRO D 142 39.15 -43.06 -2.45
C PRO D 142 40.61 -42.69 -2.61
N TRP D 143 40.96 -41.51 -2.09
CA TRP D 143 42.33 -41.06 -2.07
C TRP D 143 43.15 -41.92 -1.12
N THR D 144 44.40 -42.16 -1.49
CA THR D 144 45.37 -42.78 -0.59
C THR D 144 46.51 -41.78 -0.34
N ARG D 145 46.92 -41.66 0.91
CA ARG D 145 48.12 -40.89 1.22
C ARG D 145 49.35 -41.76 1.02
N HIS D 146 50.31 -41.25 0.25
CA HIS D 146 51.50 -42.03 -0.10
C HIS D 146 52.78 -41.47 0.46
N ALA D 147 52.84 -40.17 0.75
CA ALA D 147 54.00 -39.52 1.35
C ALA D 147 53.51 -38.49 2.36
N ALA D 148 54.23 -38.37 3.48
CA ALA D 148 53.96 -37.35 4.47
C ALA D 148 55.29 -36.86 5.04
N GLY D 149 55.40 -35.54 5.19
CA GLY D 149 56.62 -35.00 5.71
C GLY D 149 56.57 -33.53 6.05
N THR D 150 57.74 -32.88 6.05
CA THR D 150 57.89 -31.53 6.52
C THR D 150 58.73 -30.74 5.55
N LEU D 151 58.28 -29.53 5.23
CA LEU D 151 59.03 -28.59 4.39
C LEU D 151 59.46 -27.40 5.23
N THR D 152 60.62 -26.82 4.87
CA THR D 152 61.11 -25.64 5.57
C THR D 152 61.89 -24.74 4.61
N ALA D 153 62.11 -23.52 5.07
CA ALA D 153 63.08 -22.62 4.48
C ALA D 153 64.44 -22.70 5.16
N THR D 154 64.61 -23.64 6.08
CA THR D 154 65.85 -23.73 6.87
C THR D 154 66.80 -24.70 6.18
N SER D 155 67.91 -24.17 5.70
CA SER D 155 68.79 -24.89 4.80
C SER D 155 70.15 -25.09 5.43
N SER D 156 70.78 -26.22 5.10
CA SER D 156 72.12 -26.46 5.60
C SER D 156 73.15 -25.97 4.59
N THR D 157 74.35 -25.72 5.07
CA THR D 157 75.43 -25.30 4.18
C THR D 157 75.77 -26.44 3.22
N PRO D 158 75.85 -26.18 1.92
CA PRO D 158 75.98 -27.27 0.95
C PRO D 158 77.38 -27.85 0.92
N SER D 159 77.50 -29.03 0.33
CA SER D 159 78.80 -29.67 0.22
C SER D 159 79.66 -28.98 -0.84
N PRO D 160 80.98 -29.07 -0.73
CA PRO D 160 81.84 -28.45 -1.76
C PRO D 160 81.76 -29.17 -3.09
N ALA D 161 82.17 -28.46 -4.14
CA ALA D 161 82.13 -29.04 -5.46
C ALA D 161 83.22 -30.11 -5.59
N ASP D 162 83.01 -31.04 -6.52
CA ASP D 162 84.02 -32.04 -6.84
C ASP D 162 85.33 -31.37 -7.28
N GLU D 163 86.43 -32.11 -7.07
CA GLU D 163 87.71 -31.74 -7.63
C GLU D 163 88.20 -32.90 -8.48
N GLN D 164 89.02 -33.79 -7.93
CA GLN D 164 89.42 -34.98 -8.67
C GLN D 164 88.26 -35.97 -8.72
N TRP D 165 87.91 -36.40 -9.94
CA TRP D 165 86.79 -37.33 -10.14
C TRP D 165 87.22 -38.54 -10.96
N PRO D 166 87.11 -39.76 -10.42
CA PRO D 166 86.70 -40.07 -9.05
C PRO D 166 87.81 -39.72 -8.07
N PRO D 167 87.49 -39.57 -6.79
CA PRO D 167 88.52 -39.20 -5.82
C PRO D 167 89.64 -40.22 -5.76
N ALA D 168 90.79 -39.78 -5.25
CA ALA D 168 91.96 -40.65 -5.21
C ALA D 168 91.71 -41.84 -4.29
N GLY D 169 92.27 -42.99 -4.68
CA GLY D 169 92.07 -44.23 -3.96
C GLY D 169 90.85 -45.03 -4.36
N ALA D 170 89.96 -44.45 -5.17
CA ALA D 170 88.73 -45.14 -5.56
C ALA D 170 89.02 -46.17 -6.65
N ALA D 171 88.43 -47.35 -6.52
CA ALA D 171 88.72 -48.49 -7.37
C ALA D 171 87.50 -48.81 -8.22
N ALA D 172 87.72 -48.93 -9.53
CA ALA D 172 86.62 -49.19 -10.47
C ALA D 172 85.90 -50.49 -10.15
N VAL D 173 84.59 -50.47 -10.31
CA VAL D 173 83.73 -51.61 -10.04
C VAL D 173 83.09 -52.03 -11.36
N ASP D 174 83.09 -53.34 -11.62
CA ASP D 174 82.40 -53.91 -12.76
C ASP D 174 80.90 -53.94 -12.44
N VAL D 175 80.12 -53.07 -13.09
CA VAL D 175 78.68 -53.06 -12.91
C VAL D 175 77.96 -53.61 -14.14
N SER D 176 78.69 -54.31 -15.02
CA SER D 176 78.09 -54.77 -16.26
C SER D 176 77.05 -55.87 -16.04
N GLY D 177 77.04 -56.51 -14.87
CA GLY D 177 75.99 -57.42 -14.48
C GLY D 177 75.01 -56.85 -13.47
N HIS D 178 75.09 -55.55 -13.17
CA HIS D 178 74.39 -55.00 -12.00
C HIS D 178 72.88 -55.12 -12.14
N TYR D 179 72.31 -54.61 -13.23
CA TYR D 179 70.87 -54.66 -13.39
C TYR D 179 70.36 -56.09 -13.59
N GLU D 180 71.20 -57.01 -14.05
CA GLU D 180 70.76 -58.39 -14.16
C GLU D 180 70.50 -59.00 -12.78
N ALA D 181 71.44 -58.83 -11.85
CA ALA D 181 71.23 -59.31 -10.49
C ALA D 181 70.04 -58.59 -9.82
N LEU D 182 69.91 -57.27 -10.05
CA LEU D 182 68.76 -56.57 -9.48
C LEU D 182 67.46 -57.18 -9.97
N ALA D 183 67.41 -57.57 -11.25
CA ALA D 183 66.22 -58.22 -11.80
C ALA D 183 65.96 -59.54 -11.11
N ASN D 184 67.01 -60.35 -10.92
CA ASN D 184 66.84 -61.64 -10.25
C ASN D 184 66.25 -61.47 -8.85
N THR D 185 66.63 -60.39 -8.15
CA THR D 185 66.15 -60.17 -6.79
C THR D 185 64.66 -59.85 -6.77
N GLY D 186 64.18 -59.08 -7.74
CA GLY D 186 62.77 -58.78 -7.80
C GLY D 186 62.50 -57.37 -8.29
N TYR D 187 63.54 -56.55 -8.39
CA TYR D 187 63.36 -55.21 -8.94
C TYR D 187 62.96 -55.29 -10.39
N GLY D 188 62.05 -54.40 -10.78
CA GLY D 188 61.70 -54.23 -12.17
C GLY D 188 62.16 -52.86 -12.61
N TYR D 189 63.39 -52.78 -13.14
CA TYR D 189 63.98 -51.55 -13.67
C TYR D 189 64.06 -51.72 -15.19
N GLY D 190 63.11 -51.14 -15.90
CA GLY D 190 63.14 -51.17 -17.34
C GLY D 190 64.13 -50.15 -17.84
N PRO D 191 64.17 -49.93 -19.16
CA PRO D 191 65.26 -49.13 -19.74
C PRO D 191 65.43 -47.74 -19.15
N ALA D 192 64.35 -46.99 -18.89
CA ALA D 192 64.49 -45.61 -18.39
C ALA D 192 65.10 -45.56 -17.01
N PHE D 193 65.09 -46.65 -16.26
CA PHE D 193 65.58 -46.67 -14.89
C PHE D 193 66.89 -47.44 -14.78
N GLN D 194 67.53 -47.71 -15.90
CA GLN D 194 68.84 -48.37 -15.92
C GLN D 194 69.95 -47.36 -16.12
N GLY D 195 69.91 -46.29 -15.32
CA GLY D 195 70.76 -45.15 -15.58
C GLY D 195 72.16 -45.19 -15.00
N LEU D 196 72.44 -46.14 -14.10
CA LEU D 196 73.77 -46.26 -13.50
C LEU D 196 74.72 -46.89 -14.52
N LYS D 197 75.80 -46.18 -14.88
CA LYS D 197 76.71 -46.65 -15.95
C LYS D 197 78.10 -47.00 -15.47
N ARG D 198 78.67 -46.25 -14.52
CA ARG D 198 80.01 -46.49 -14.03
C ARG D 198 80.04 -46.24 -12.54
N ALA D 199 80.93 -46.93 -11.84
CA ALA D 199 80.99 -46.81 -10.39
C ALA D 199 82.38 -47.16 -9.90
N TRP D 200 82.77 -46.54 -8.78
CA TRP D 200 84.01 -46.82 -8.08
C TRP D 200 83.73 -46.87 -6.59
N ILE D 201 84.53 -47.68 -5.86
CA ILE D 201 84.42 -47.80 -4.41
C ILE D 201 85.71 -47.32 -3.76
N ARG D 202 85.58 -46.76 -2.56
CA ARG D 202 86.73 -46.46 -1.70
C ARG D 202 86.25 -46.68 -0.28
N GLY D 203 86.80 -47.70 0.39
CA GLY D 203 86.24 -48.10 1.67
C GLY D 203 84.78 -48.46 1.51
N ASN D 204 83.93 -47.85 2.35
CA ASN D 204 82.49 -48.07 2.25
C ASN D 204 81.77 -46.99 1.44
N GLU D 205 82.50 -46.22 0.64
CA GLU D 205 81.92 -45.13 -0.15
C GLU D 205 81.86 -45.53 -1.61
N VAL D 206 80.81 -45.09 -2.31
CA VAL D 206 80.65 -45.38 -3.73
C VAL D 206 80.49 -44.08 -4.49
N PHE D 207 81.19 -43.99 -5.63
CA PHE D 207 81.08 -42.89 -6.58
C PHE D 207 80.53 -43.44 -7.88
N ALA D 208 79.53 -42.78 -8.45
CA ALA D 208 78.92 -43.34 -9.64
C ALA D 208 78.54 -42.25 -10.62
N GLU D 209 78.46 -42.64 -11.89
CA GLU D 209 77.93 -41.80 -12.94
C GLU D 209 76.63 -42.42 -13.44
N VAL D 210 75.63 -41.58 -13.62
CA VAL D 210 74.27 -41.99 -13.92
C VAL D 210 73.73 -41.06 -15.00
N GLU D 211 73.02 -41.62 -15.97
CA GLU D 211 72.49 -40.77 -17.03
C GLU D 211 71.16 -41.29 -17.52
N LEU D 212 70.30 -40.37 -17.93
CA LEU D 212 69.02 -40.68 -18.54
C LEU D 212 69.22 -41.13 -19.98
N ASP D 213 68.34 -42.01 -20.45
CA ASP D 213 68.18 -42.26 -21.88
C ASP D 213 67.70 -40.98 -22.58
N GLU D 214 67.87 -40.96 -23.91
CA GLU D 214 67.49 -39.81 -24.73
C GLU D 214 66.09 -39.34 -24.41
N ARG D 215 65.13 -40.27 -24.31
CA ARG D 215 63.74 -39.88 -24.18
C ARG D 215 63.52 -39.08 -22.91
N GLU D 216 64.01 -39.60 -21.78
CA GLU D 216 63.82 -38.87 -20.53
C GLU D 216 64.72 -37.63 -20.46
N ALA D 217 65.90 -37.70 -21.07
CA ALA D 217 66.77 -36.53 -21.16
C ALA D 217 66.04 -35.34 -21.80
N ALA D 218 65.23 -35.61 -22.81
CA ALA D 218 64.50 -34.54 -23.48
C ALA D 218 63.48 -33.87 -22.57
N GLU D 219 63.03 -34.57 -21.53
CA GLU D 219 62.08 -34.01 -20.59
C GLU D 219 62.74 -33.51 -19.30
N ALA D 220 64.04 -33.72 -19.15
CA ALA D 220 64.63 -33.56 -17.82
C ALA D 220 64.66 -32.11 -17.39
N GLY D 221 64.84 -31.17 -18.33
CA GLY D 221 64.89 -29.77 -18.01
C GLY D 221 63.63 -29.23 -17.34
N GLY D 222 62.50 -29.91 -17.50
CA GLY D 222 61.28 -29.45 -16.85
C GLY D 222 61.16 -29.86 -15.40
N TYR D 223 61.92 -30.88 -14.99
CA TYR D 223 61.88 -31.37 -13.62
C TYR D 223 62.83 -30.60 -12.72
N GLY D 224 62.57 -30.65 -11.43
CA GLY D 224 63.60 -30.22 -10.49
C GLY D 224 64.74 -31.21 -10.63
N ILE D 225 64.46 -32.49 -10.43
CA ILE D 225 65.34 -33.55 -10.89
C ILE D 225 64.45 -34.71 -11.35
N HIS D 226 64.68 -35.18 -12.57
CA HIS D 226 63.88 -36.26 -13.11
C HIS D 226 63.84 -37.45 -12.15
N PRO D 227 62.65 -37.98 -11.85
CA PRO D 227 62.60 -39.11 -10.88
C PRO D 227 63.40 -40.33 -11.31
N ALA D 228 63.42 -40.65 -12.61
CA ALA D 228 64.25 -41.76 -13.09
C ALA D 228 65.73 -41.46 -12.92
N LEU D 229 66.14 -40.19 -12.99
CA LEU D 229 67.54 -39.88 -12.73
C LEU D 229 67.90 -40.07 -11.27
N LEU D 230 67.09 -39.52 -10.36
CA LEU D 230 67.40 -39.63 -8.93
C LEU D 230 67.26 -41.06 -8.41
N ASP D 231 66.35 -41.85 -8.98
CA ASP D 231 66.26 -43.24 -8.53
C ASP D 231 67.52 -44.02 -8.93
N ALA D 232 67.97 -43.85 -10.18
CA ALA D 232 69.17 -44.55 -10.61
C ALA D 232 70.39 -44.09 -9.84
N ALA D 233 70.41 -42.84 -9.38
CA ALA D 233 71.45 -42.42 -8.44
C ALA D 233 71.43 -43.31 -7.20
N LEU D 234 70.24 -43.66 -6.71
CA LEU D 234 70.14 -44.53 -5.54
C LEU D 234 70.64 -45.95 -5.79
N HIS D 235 70.67 -46.39 -7.05
CA HIS D 235 71.12 -47.75 -7.33
C HIS D 235 72.58 -47.92 -6.94
N ALA D 236 73.35 -46.83 -6.93
CA ALA D 236 74.75 -46.92 -6.54
C ALA D 236 74.89 -47.39 -5.10
N THR D 237 73.88 -47.15 -4.25
CA THR D 237 74.01 -47.50 -2.83
C THR D 237 74.09 -49.00 -2.62
N GLY D 238 73.49 -49.79 -3.52
CA GLY D 238 73.61 -51.23 -3.42
C GLY D 238 75.03 -51.72 -3.54
N LEU D 239 75.94 -50.89 -4.06
CA LEU D 239 77.33 -51.29 -4.14
C LEU D 239 78.07 -51.14 -2.81
N ILE D 240 77.52 -50.37 -1.87
CA ILE D 240 78.07 -50.27 -0.52
C ILE D 240 77.81 -51.55 0.26
N GLU D 241 76.54 -51.93 0.33
CA GLU D 241 76.01 -53.07 1.05
C GLU D 241 74.63 -53.31 0.46
N GLN D 242 74.16 -54.54 0.56
CA GLN D 242 72.91 -54.92 -0.07
C GLN D 242 71.97 -55.47 0.97
N ALA D 243 70.72 -55.01 0.94
CA ALA D 243 69.70 -55.56 1.80
C ALA D 243 69.39 -57.00 1.37
N GLU D 244 68.65 -57.70 2.21
CA GLU D 244 68.09 -58.99 1.82
C GLU D 244 66.78 -58.73 1.10
N GLY D 245 66.63 -59.30 -0.09
CA GLY D 245 65.42 -59.11 -0.85
C GLY D 245 65.31 -57.69 -1.39
N VAL D 246 64.11 -57.40 -1.92
CA VAL D 246 63.86 -56.08 -2.48
C VAL D 246 63.66 -55.08 -1.35
N ALA D 247 64.31 -53.92 -1.46
CA ALA D 247 64.13 -52.82 -0.53
C ALA D 247 63.96 -51.52 -1.30
N LEU D 248 63.00 -50.70 -0.88
CA LEU D 248 62.69 -49.46 -1.56
C LEU D 248 62.78 -48.29 -0.60
N PRO D 249 63.04 -47.08 -1.11
CA PRO D 249 63.16 -45.90 -0.25
C PRO D 249 61.94 -45.73 0.64
N PHE D 250 62.19 -45.39 1.90
CA PHE D 250 61.12 -45.30 2.89
C PHE D 250 61.15 -43.94 3.58
N ALA D 251 62.29 -43.57 4.17
CA ALA D 251 62.37 -42.34 4.96
C ALA D 251 63.54 -41.51 4.47
N TRP D 252 63.25 -40.26 4.11
CA TRP D 252 64.21 -39.28 3.64
C TRP D 252 64.36 -38.20 4.72
N ASN D 253 65.59 -37.72 4.93
CA ASN D 253 65.81 -36.61 5.84
C ASN D 253 66.80 -35.64 5.23
N GLY D 254 66.50 -34.35 5.35
CA GLY D 254 67.40 -33.31 4.90
C GLY D 254 67.71 -33.37 3.43
N VAL D 255 66.69 -33.20 2.59
CA VAL D 255 66.84 -33.25 1.13
C VAL D 255 66.76 -31.83 0.59
N GLU D 256 67.76 -31.43 -0.19
CA GLU D 256 67.77 -30.12 -0.83
C GLU D 256 68.17 -30.29 -2.28
N LEU D 257 67.33 -29.80 -3.18
CA LEU D 257 67.67 -29.75 -4.58
C LEU D 257 68.41 -28.43 -4.80
N LEU D 258 69.65 -28.50 -5.30
CA LEU D 258 70.48 -27.31 -5.40
C LEU D 258 70.58 -26.76 -6.82
N ALA D 259 70.41 -27.60 -7.83
CA ALA D 259 70.47 -27.20 -9.23
C ALA D 259 69.47 -28.05 -9.98
N SER D 260 68.76 -27.44 -10.92
CA SER D 260 67.60 -28.11 -11.48
C SER D 260 67.84 -28.56 -12.91
N GLY D 261 67.08 -29.57 -13.33
CA GLY D 261 67.01 -29.98 -14.72
C GLY D 261 68.10 -30.92 -15.21
N ALA D 262 68.93 -31.47 -14.33
CA ALA D 262 70.02 -32.37 -14.75
C ALA D 262 69.50 -33.51 -15.62
N GLN D 263 70.32 -33.90 -16.61
CA GLN D 263 70.12 -35.11 -17.42
C GLN D 263 71.07 -36.24 -17.06
N ARG D 264 72.17 -35.92 -16.38
CA ARG D 264 73.20 -36.87 -15.99
C ARG D 264 73.85 -36.28 -14.76
N VAL D 265 74.23 -37.12 -13.79
CA VAL D 265 74.80 -36.63 -12.54
C VAL D 265 75.91 -37.57 -12.07
N ARG D 266 76.67 -37.08 -11.10
CA ARG D 266 77.59 -37.88 -10.31
C ARG D 266 76.98 -38.14 -8.96
N VAL D 267 77.29 -39.29 -8.37
CA VAL D 267 76.77 -39.64 -7.06
C VAL D 267 77.93 -39.96 -6.12
N HIS D 268 77.88 -39.38 -4.93
CA HIS D 268 78.73 -39.79 -3.82
C HIS D 268 77.80 -40.30 -2.73
N ALA D 269 77.83 -41.60 -2.48
CA ALA D 269 77.03 -42.20 -1.43
C ALA D 269 77.94 -42.83 -0.40
N GLN D 270 77.51 -42.78 0.86
CA GLN D 270 78.25 -43.39 1.95
C GLN D 270 77.30 -43.61 3.13
N PRO D 271 77.61 -44.55 4.02
CA PRO D 271 76.72 -44.78 5.17
C PRO D 271 76.85 -43.69 6.21
N THR D 272 75.76 -43.46 6.93
CA THR D 272 75.84 -42.66 8.16
C THR D 272 75.95 -43.61 9.34
N ASP D 273 75.29 -43.32 10.46
CA ASP D 273 75.23 -44.26 11.57
C ASP D 273 73.82 -44.47 12.09
N ASP D 274 72.80 -43.90 11.44
CA ASP D 274 71.44 -44.36 11.65
C ASP D 274 71.17 -45.69 10.97
N GLY D 275 72.22 -46.40 10.53
CA GLY D 275 72.09 -47.48 9.58
C GLY D 275 71.64 -47.05 8.21
N ALA D 276 71.75 -45.77 7.91
CA ALA D 276 71.19 -45.16 6.71
C ALA D 276 72.32 -44.78 5.74
N THR D 277 71.96 -44.09 4.67
CA THR D 277 72.88 -43.71 3.61
C THR D 277 72.71 -42.22 3.29
N SER D 278 73.82 -41.50 3.20
CA SER D 278 73.80 -40.14 2.69
C SER D 278 74.27 -40.12 1.23
N LEU D 279 73.81 -39.12 0.47
CA LEU D 279 74.12 -39.01 -0.95
C LEU D 279 74.32 -37.55 -1.31
N HIS D 280 75.44 -37.28 -1.98
CA HIS D 280 75.76 -35.97 -2.50
C HIS D 280 75.76 -36.13 -4.03
N ILE D 281 74.95 -35.31 -4.71
CA ILE D 281 74.76 -35.42 -6.15
C ILE D 281 75.31 -34.16 -6.80
N THR D 282 76.15 -34.33 -7.83
CA THR D 282 76.77 -33.22 -8.54
C THR D 282 76.57 -33.39 -10.03
N ASP D 283 76.83 -32.34 -10.79
CA ASP D 283 76.73 -32.49 -12.23
C ASP D 283 78.09 -32.91 -12.78
N THR D 284 78.13 -33.19 -14.09
CA THR D 284 79.37 -33.66 -14.69
C THR D 284 80.47 -32.60 -14.73
N THR D 285 80.26 -31.39 -14.18
CA THR D 285 81.38 -30.46 -14.00
C THR D 285 81.80 -30.36 -12.54
N GLY D 286 81.19 -31.15 -11.65
CA GLY D 286 81.51 -31.11 -10.25
C GLY D 286 80.63 -30.21 -9.41
N ALA D 287 79.75 -29.41 -10.03
CA ALA D 287 78.96 -28.46 -9.25
C ALA D 287 77.80 -29.18 -8.56
N PRO D 288 77.44 -28.76 -7.34
CA PRO D 288 76.40 -29.48 -6.59
C PRO D 288 75.06 -29.46 -7.32
N VAL D 289 74.34 -30.59 -7.24
CA VAL D 289 73.01 -30.72 -7.80
C VAL D 289 71.97 -31.02 -6.71
N ALA D 290 72.30 -31.87 -5.75
CA ALA D 290 71.34 -32.20 -4.71
C ALA D 290 72.08 -32.78 -3.50
N GLY D 291 71.51 -32.55 -2.32
CA GLY D 291 72.04 -33.21 -1.14
C GLY D 291 70.95 -34.01 -0.44
N ILE D 292 71.25 -35.26 -0.10
CA ILE D 292 70.38 -36.07 0.71
C ILE D 292 71.11 -36.41 2.00
N THR D 293 70.66 -35.87 3.12
CA THR D 293 71.38 -36.06 4.37
C THR D 293 71.25 -37.48 4.87
N SER D 294 70.10 -38.12 4.58
CA SER D 294 69.82 -39.45 5.10
C SER D 294 68.69 -40.09 4.29
N LEU D 295 68.92 -41.29 3.78
CA LEU D 295 67.87 -42.12 3.21
C LEU D 295 67.91 -43.50 3.85
N ILE D 296 66.75 -43.96 4.36
CA ILE D 296 66.55 -45.31 4.84
C ILE D 296 65.62 -46.01 3.86
N SER D 297 65.95 -47.23 3.47
CA SER D 297 65.05 -48.06 2.68
C SER D 297 64.53 -49.19 3.54
N ARG D 298 63.41 -49.77 3.12
CA ARG D 298 62.78 -50.82 3.88
C ARG D 298 62.27 -51.88 2.92
N PRO D 299 62.24 -53.13 3.34
CA PRO D 299 61.66 -54.18 2.49
C PRO D 299 60.16 -53.97 2.28
N LEU D 300 59.56 -54.82 1.49
CA LEU D 300 58.12 -54.66 1.45
C LEU D 300 57.45 -55.65 2.39
N PRO D 301 56.26 -55.33 2.88
CA PRO D 301 55.53 -56.30 3.71
C PRO D 301 55.26 -57.62 2.97
#